data_3B13
#
_entry.id   3B13
#
_cell.length_a   168.651
_cell.length_b   168.651
_cell.length_c   129.718
_cell.angle_alpha   90.00
_cell.angle_beta   90.00
_cell.angle_gamma   120.00
#
_symmetry.space_group_name_H-M   'P 65'
#
loop_
_entity.id
_entity.type
_entity.pdbx_description
1 polymer 'Dedicator of cytokinesis protein 2'
2 polymer 'Ras-related C3 botulinum toxin substrate 1'
3 water water
#
loop_
_entity_poly.entity_id
_entity_poly.type
_entity_poly.pdbx_seq_one_letter_code
_entity_poly.pdbx_strand_id
1 'polypeptide(L)'
;GSFTSKDNRMSCTVNLLNFYKDNNREEMYIRYLYKLRDLHLDCDNYTEAAYTLLLHTWLLKWSDEQCASQVMQTGQQHPQ
THRQLKETLYETIIGYFDKGKMWEEAISLCKELAEQYEMEIFDYELLSQNLIQQAKFYESIMKILRPKPDYFAVGYYGQG
FPSFLRNKVFIYRGKEYERREDFQMQLMTQFPNAEKMNTTSAPGDDVKNAPGQYIQCFTVQPVLDEHPRFKNKPVPDQII
NFYKSNYVQRFHYSRPVRRGTVDPENEFASMWIERTSFVTAYKLPGILRWFEVVHMSQTTISPLENAIETMSTANEKILM
MINQYQSDETLPINPLSMLLNGIVDPAVMGGFAKYEKAFFTEEYVRDHPEDQDKLTHLKDLIAWQIPFLGAGIKIHEKRV
SDNLRPFHDRMEECFKNLKMKVEKEYGVREM
;
A,C
2 'polypeptide(L)'
;GSSGSSGMQAIKCVVVGDGAVGKNCLLISYTTNAFPGEYIPTVFDNYSANVMVDGKPVNLGLWDTAGQEDYDRLRPLSYP
QTDVFLICFSLVSPASFENVRAKWYPEVRHHCPNTPIILVGTKLDLRDDKDTIEKLKEKKLTPITYPQGLAMAKEIGAVK
YLECSALTQRGLKTVFDEAIRAVL
;
B,D
#
# COMPACT_ATOMS: atom_id res chain seq x y z
N SER A 5 -17.36 21.55 34.18
CA SER A 5 -18.55 21.35 33.34
C SER A 5 -18.31 20.26 32.30
N LYS A 6 -17.78 20.64 31.13
CA LYS A 6 -17.50 19.64 30.09
C LYS A 6 -16.72 18.44 30.63
N ASP A 7 -15.69 18.70 31.43
CA ASP A 7 -14.88 17.65 32.05
C ASP A 7 -15.76 16.70 32.85
N ASN A 8 -16.47 17.24 33.83
CA ASN A 8 -17.31 16.45 34.72
C ASN A 8 -18.36 15.69 33.94
N ARG A 9 -18.99 16.39 33.02
CA ARG A 9 -19.92 15.83 32.06
C ARG A 9 -19.39 14.58 31.34
N MET A 10 -18.16 14.66 30.85
CA MET A 10 -17.53 13.50 30.22
C MET A 10 -17.33 12.40 31.24
N SER A 11 -16.92 12.79 32.44
CA SER A 11 -16.80 11.80 33.49
C SER A 11 -18.11 11.06 33.78
N CYS A 12 -19.22 11.79 33.90
CA CYS A 12 -20.51 11.19 34.17
C CYS A 12 -20.88 10.27 33.03
N THR A 13 -20.66 10.75 31.81
CA THR A 13 -20.98 9.96 30.64
C THR A 13 -20.23 8.63 30.62
N VAL A 14 -18.94 8.67 30.89
CA VAL A 14 -18.15 7.45 30.95
C VAL A 14 -18.56 6.55 32.13
N ASN A 15 -18.99 7.14 33.23
CA ASN A 15 -19.37 6.34 34.39
C ASN A 15 -20.62 5.56 34.06
N LEU A 16 -21.57 6.21 33.39
CA LEU A 16 -22.78 5.52 32.94
C LEU A 16 -22.44 4.51 31.84
N LEU A 17 -21.52 4.86 30.95
CA LEU A 17 -21.06 3.92 29.94
C LEU A 17 -20.64 2.64 30.64
N ASN A 18 -19.80 2.79 31.66
CA ASN A 18 -19.36 1.64 32.42
C ASN A 18 -20.51 0.93 33.11
N PHE A 19 -21.47 1.67 33.64
CA PHE A 19 -22.60 1.04 34.29
C PHE A 19 -23.27 0.10 33.27
N TYR A 20 -23.57 0.61 32.09
CA TYR A 20 -24.29 -0.18 31.10
C TYR A 20 -23.45 -1.33 30.58
N LYS A 21 -22.14 -1.15 30.53
CA LYS A 21 -21.24 -2.23 30.18
C LYS A 21 -21.38 -3.34 31.22
N ASP A 22 -21.12 -2.98 32.47
CA ASP A 22 -21.15 -3.91 33.61
C ASP A 22 -22.51 -4.61 33.75
N ASN A 23 -23.58 -3.92 33.40
CA ASN A 23 -24.94 -4.49 33.44
C ASN A 23 -25.37 -5.16 32.14
N ASN A 24 -24.44 -5.26 31.19
CA ASN A 24 -24.71 -5.94 29.92
C ASN A 24 -26.00 -5.49 29.26
N ARG A 25 -26.22 -4.18 29.23
CA ARG A 25 -27.26 -3.61 28.38
C ARG A 25 -26.57 -2.96 27.21
N GLU A 26 -26.61 -3.61 26.06
CA GLU A 26 -25.73 -3.24 24.97
C GLU A 26 -26.27 -2.00 24.28
N GLU A 27 -27.59 -1.92 24.16
CA GLU A 27 -28.23 -0.79 23.49
C GLU A 27 -27.77 0.51 24.15
N MET A 28 -27.90 0.55 25.47
CA MET A 28 -27.57 1.76 26.23
C MET A 28 -26.09 2.08 26.24
N TYR A 29 -25.26 1.04 26.36
CA TYR A 29 -23.82 1.19 26.29
C TYR A 29 -23.43 1.87 24.99
N ILE A 30 -23.95 1.37 23.87
CA ILE A 30 -23.68 1.96 22.56
C ILE A 30 -24.15 3.41 22.47
N ARG A 31 -25.38 3.65 22.89
CA ARG A 31 -25.91 5.00 22.91
C ARG A 31 -24.97 5.98 23.61
N TYR A 32 -24.50 5.59 24.79
CA TYR A 32 -23.55 6.42 25.52
C TYR A 32 -22.21 6.57 24.82
N LEU A 33 -21.74 5.53 24.14
CA LEU A 33 -20.59 5.67 23.27
C LEU A 33 -20.79 6.89 22.42
N TYR A 34 -21.91 6.95 21.71
CA TYR A 34 -22.11 8.09 20.82
C TYR A 34 -22.30 9.43 21.53
N LYS A 35 -22.85 9.42 22.74
CA LYS A 35 -22.93 10.66 23.54
C LYS A 35 -21.51 11.19 23.79
N LEU A 36 -20.68 10.34 24.37
CA LEU A 36 -19.27 10.63 24.57
C LEU A 36 -18.55 11.08 23.31
N ARG A 37 -18.82 10.42 22.20
CA ARG A 37 -18.23 10.85 20.94
C ARG A 37 -18.66 12.27 20.58
N ASP A 38 -19.92 12.61 20.80
CA ASP A 38 -20.37 13.93 20.42
C ASP A 38 -19.71 14.98 21.29
N LEU A 39 -19.53 14.66 22.57
CA LEU A 39 -18.77 15.56 23.44
C LEU A 39 -17.36 15.78 22.88
N HIS A 40 -16.64 14.70 22.63
CA HIS A 40 -15.34 14.84 21.99
C HIS A 40 -15.33 15.71 20.73
N LEU A 41 -16.16 15.42 19.74
CA LEU A 41 -16.17 16.26 18.53
C LEU A 41 -16.53 17.72 18.84
N ASP A 42 -17.29 17.93 19.91
CA ASP A 42 -17.63 19.28 20.36
C ASP A 42 -16.37 20.02 20.75
N CYS A 43 -15.46 19.32 21.43
CA CYS A 43 -14.16 19.89 21.84
C CYS A 43 -13.11 19.84 20.74
N ASP A 44 -13.47 19.25 19.61
CA ASP A 44 -12.49 18.97 18.58
C ASP A 44 -11.45 17.95 19.03
N ASN A 45 -11.85 16.99 19.87
CA ASN A 45 -10.93 15.93 20.26
C ASN A 45 -11.18 14.76 19.32
N TYR A 46 -10.40 14.69 18.25
CA TYR A 46 -10.68 13.75 17.19
C TYR A 46 -10.15 12.40 17.58
N THR A 47 -9.03 12.43 18.31
CA THR A 47 -8.38 11.22 18.74
C THR A 47 -9.26 10.50 19.73
N GLU A 48 -9.75 11.24 20.71
CA GLU A 48 -10.49 10.57 21.75
C GLU A 48 -11.84 10.10 21.20
N ALA A 49 -12.33 10.79 20.17
CA ALA A 49 -13.53 10.38 19.44
C ALA A 49 -13.28 9.06 18.71
N ALA A 50 -12.12 8.93 18.08
CA ALA A 50 -11.77 7.69 17.43
C ALA A 50 -11.71 6.54 18.44
N TYR A 51 -10.87 6.69 19.46
CA TYR A 51 -10.80 5.64 20.50
C TYR A 51 -12.19 5.29 21.03
N THR A 52 -13.07 6.30 21.13
CA THR A 52 -14.43 6.04 21.56
C THR A 52 -15.18 5.10 20.62
N LEU A 53 -15.31 5.47 19.34
CA LEU A 53 -16.04 4.62 18.42
C LEU A 53 -15.44 3.21 18.28
N LEU A 54 -14.13 3.08 18.50
CA LEU A 54 -13.50 1.75 18.50
C LEU A 54 -14.12 0.82 19.54
N LEU A 55 -14.76 1.42 20.54
CA LEU A 55 -15.47 0.64 21.54
C LEU A 55 -16.66 -0.05 20.89
N HIS A 56 -17.27 0.66 19.95
CA HIS A 56 -18.36 0.11 19.15
C HIS A 56 -17.85 -0.99 18.21
N THR A 57 -16.83 -0.66 17.41
CA THR A 57 -16.35 -1.66 16.45
C THR A 57 -15.81 -2.91 17.12
N TRP A 58 -15.45 -2.79 18.40
CA TRP A 58 -15.04 -3.98 19.14
C TRP A 58 -16.15 -5.04 19.17
N LEU A 59 -17.39 -4.62 19.04
CA LEU A 59 -18.50 -5.55 19.21
C LEU A 59 -18.87 -6.18 17.88
N LEU A 60 -18.31 -5.63 16.79
CA LEU A 60 -18.62 -6.09 15.43
C LEU A 60 -17.57 -7.07 14.92
N LYS A 61 -18.01 -8.03 14.11
CA LYS A 61 -17.12 -9.08 13.61
C LYS A 61 -16.90 -8.89 12.11
N TRP A 62 -15.82 -9.42 11.57
CA TRP A 62 -15.75 -9.30 10.13
C TRP A 62 -16.51 -10.52 9.65
N SER A 63 -17.76 -10.29 9.26
CA SER A 63 -18.75 -11.35 9.15
C SER A 63 -19.89 -10.92 8.25
N ASP A 64 -20.62 -11.89 7.74
CA ASP A 64 -21.81 -11.62 6.94
C ASP A 64 -23.10 -11.73 7.74
N GLU A 65 -22.94 -11.91 9.05
CA GLU A 65 -24.05 -11.89 10.01
C GLU A 65 -24.82 -10.56 9.93
N GLN A 66 -26.14 -10.63 9.89
CA GLN A 66 -26.93 -9.41 9.88
C GLN A 66 -26.78 -8.76 11.25
N CYS A 67 -26.43 -7.47 11.25
CA CYS A 67 -26.27 -6.75 12.50
C CYS A 67 -27.55 -6.80 13.26
N ALA A 68 -27.49 -7.02 14.57
CA ALA A 68 -28.72 -7.02 15.36
C ALA A 68 -29.29 -5.60 15.42
N SER A 69 -30.42 -5.44 16.08
CA SER A 69 -31.02 -4.11 16.22
C SER A 69 -30.25 -3.34 17.29
N GLN A 70 -30.05 -4.00 18.42
CA GLN A 70 -29.34 -3.45 19.57
C GLN A 70 -27.92 -3.00 19.23
N VAL A 71 -27.26 -3.77 18.37
CA VAL A 71 -25.85 -3.53 17.98
C VAL A 71 -25.65 -2.29 17.10
N MET A 72 -26.75 -1.68 16.67
CA MET A 72 -26.71 -0.50 15.82
C MET A 72 -27.15 0.76 16.56
N GLN A 73 -26.51 1.89 16.25
CA GLN A 73 -26.91 3.18 16.80
C GLN A 73 -28.35 3.51 16.38
N THR A 74 -29.12 4.11 17.28
CA THR A 74 -30.53 4.43 16.99
C THR A 74 -30.65 5.37 15.78
N GLY A 75 -29.59 6.13 15.49
CA GLY A 75 -29.55 6.97 14.31
C GLY A 75 -29.54 6.19 13.00
N GLN A 76 -28.54 5.34 12.81
CA GLN A 76 -28.38 4.56 11.55
C GLN A 76 -29.56 3.66 11.18
N GLN A 77 -29.76 2.58 11.95
CA GLN A 77 -30.95 1.72 11.86
C GLN A 77 -31.42 1.27 10.45
N HIS A 78 -30.59 0.49 9.77
CA HIS A 78 -30.98 -0.18 8.54
C HIS A 78 -30.23 -1.51 8.43
N PRO A 79 -30.81 -2.50 7.73
CA PRO A 79 -30.13 -3.81 7.66
C PRO A 79 -28.70 -3.70 7.08
N GLN A 80 -27.71 -4.28 7.77
CA GLN A 80 -26.30 -4.21 7.38
C GLN A 80 -25.58 -5.47 7.86
N THR A 81 -24.65 -6.01 7.08
CA THR A 81 -23.83 -7.06 7.65
C THR A 81 -22.86 -6.47 8.67
N HIS A 82 -22.36 -7.30 9.57
CA HIS A 82 -21.34 -6.86 10.52
C HIS A 82 -20.19 -6.21 9.76
N ARG A 83 -19.69 -6.92 8.76
CA ARG A 83 -18.59 -6.43 7.96
C ARG A 83 -18.86 -5.02 7.47
N GLN A 84 -20.08 -4.77 7.01
CA GLN A 84 -20.45 -3.44 6.51
C GLN A 84 -20.36 -2.36 7.57
N LEU A 85 -21.11 -2.52 8.64
CA LEU A 85 -21.08 -1.52 9.70
C LEU A 85 -19.64 -1.29 10.15
N LYS A 86 -18.89 -2.37 10.32
CA LYS A 86 -17.52 -2.27 10.78
C LYS A 86 -16.70 -1.47 9.77
N GLU A 87 -16.99 -1.67 8.50
CA GLU A 87 -16.22 -1.02 7.44
C GLU A 87 -16.49 0.48 7.52
N THR A 88 -17.77 0.84 7.60
CA THR A 88 -18.17 2.24 7.63
C THR A 88 -17.55 2.97 8.80
N LEU A 89 -17.66 2.33 9.96
CA LEU A 89 -17.07 2.85 11.19
C LEU A 89 -15.59 3.03 11.00
N TYR A 90 -14.89 1.99 10.52
CA TYR A 90 -13.46 2.10 10.31
C TYR A 90 -13.14 3.29 9.44
N GLU A 91 -13.94 3.54 8.41
CA GLU A 91 -13.68 4.74 7.62
C GLU A 91 -13.78 6.01 8.50
N THR A 92 -14.88 6.14 9.23
CA THR A 92 -15.01 7.29 10.11
C THR A 92 -13.82 7.45 11.07
N ILE A 93 -13.47 6.37 11.75
CA ILE A 93 -12.43 6.35 12.76
C ILE A 93 -11.08 6.74 12.17
N ILE A 94 -10.69 6.05 11.11
CA ILE A 94 -9.46 6.41 10.42
C ILE A 94 -9.45 7.91 10.13
N GLY A 95 -10.59 8.44 9.70
CA GLY A 95 -10.67 9.88 9.48
C GLY A 95 -10.39 10.70 10.72
N TYR A 96 -11.01 10.33 11.85
CA TYR A 96 -10.75 11.00 13.12
C TYR A 96 -9.28 10.98 13.49
N PHE A 97 -8.67 9.79 13.44
CA PHE A 97 -7.26 9.65 13.77
C PHE A 97 -6.42 10.50 12.85
N ASP A 98 -6.77 10.55 11.58
CA ASP A 98 -6.05 11.43 10.67
C ASP A 98 -6.10 12.86 11.21
N LYS A 99 -7.31 13.38 11.43
CA LYS A 99 -7.47 14.75 11.92
C LYS A 99 -6.68 15.03 13.22
N GLY A 100 -6.47 14.00 14.03
CA GLY A 100 -5.77 14.17 15.30
C GLY A 100 -4.34 13.74 15.18
N LYS A 101 -3.94 13.46 13.95
CA LYS A 101 -2.55 13.18 13.60
C LYS A 101 -1.96 11.95 14.27
N MET A 102 -2.79 10.97 14.64
CA MET A 102 -2.23 9.71 15.12
C MET A 102 -2.26 8.78 13.94
N TRP A 103 -1.14 8.70 13.21
CA TRP A 103 -1.17 8.07 11.91
C TRP A 103 -0.82 6.60 12.01
N GLU A 104 -0.24 6.23 13.14
CA GLU A 104 0.10 4.85 13.35
C GLU A 104 -1.18 4.05 13.62
N GLU A 105 -2.17 4.70 14.21
CA GLU A 105 -3.48 4.06 14.44
C GLU A 105 -4.31 3.96 13.17
N ALA A 106 -4.36 5.08 12.45
CA ALA A 106 -4.99 5.09 11.15
C ALA A 106 -4.40 3.95 10.35
N ILE A 107 -3.08 3.86 10.30
CA ILE A 107 -2.45 2.78 9.54
C ILE A 107 -2.92 1.43 10.05
N SER A 108 -2.86 1.21 11.37
CA SER A 108 -3.27 -0.10 11.90
C SER A 108 -4.66 -0.54 11.44
N LEU A 109 -5.60 0.41 11.39
CA LEU A 109 -6.97 0.12 10.94
C LEU A 109 -7.05 -0.11 9.42
N CYS A 110 -6.38 0.77 8.69
CA CYS A 110 -6.23 0.61 7.26
C CYS A 110 -5.78 -0.79 6.92
N LYS A 111 -4.86 -1.32 7.71
CA LYS A 111 -4.27 -2.62 7.42
C LYS A 111 -5.35 -3.71 7.47
N GLU A 112 -6.20 -3.66 8.50
CA GLU A 112 -7.32 -4.59 8.68
C GLU A 112 -8.26 -4.55 7.51
N LEU A 113 -8.69 -3.32 7.20
CA LEU A 113 -9.51 -3.07 6.02
C LEU A 113 -8.90 -3.67 4.75
N ALA A 114 -7.62 -3.39 4.53
CA ALA A 114 -6.87 -3.87 3.38
C ALA A 114 -6.88 -5.40 3.27
N GLU A 115 -6.71 -6.06 4.41
CA GLU A 115 -6.80 -7.51 4.45
C GLU A 115 -8.19 -8.01 4.11
N GLN A 116 -9.24 -7.27 4.50
CA GLN A 116 -10.59 -7.67 4.08
C GLN A 116 -10.76 -7.55 2.57
N TYR A 117 -10.38 -6.39 2.04
CA TYR A 117 -10.53 -6.12 0.63
C TYR A 117 -9.79 -7.16 -0.19
N GLU A 118 -8.58 -7.51 0.25
CA GLU A 118 -7.77 -8.46 -0.51
C GLU A 118 -8.07 -9.94 -0.28
N MET A 119 -8.26 -10.31 0.98
CA MET A 119 -8.51 -11.70 1.38
C MET A 119 -9.96 -12.19 1.34
N GLU A 120 -10.90 -11.30 1.66
CA GLU A 120 -12.30 -11.65 1.97
C GLU A 120 -13.35 -11.17 0.95
N ILE A 121 -13.44 -9.86 0.74
CA ILE A 121 -14.42 -9.32 -0.20
C ILE A 121 -13.92 -9.06 -1.65
N PHE A 122 -12.60 -9.21 -1.84
CA PHE A 122 -11.94 -9.04 -3.15
C PHE A 122 -12.31 -7.79 -3.93
N ASP A 123 -12.26 -6.64 -3.28
CA ASP A 123 -12.43 -5.37 -3.97
C ASP A 123 -11.05 -4.72 -4.15
N TYR A 124 -10.53 -4.76 -5.37
CA TYR A 124 -9.18 -4.24 -5.60
C TYR A 124 -9.15 -2.73 -5.79
N GLU A 125 -10.29 -2.13 -6.12
CA GLU A 125 -10.33 -0.67 -6.22
C GLU A 125 -10.17 -0.06 -4.82
N LEU A 126 -10.92 -0.62 -3.89
CA LEU A 126 -10.87 -0.18 -2.52
C LEU A 126 -9.52 -0.47 -1.91
N LEU A 127 -8.93 -1.61 -2.29
CA LEU A 127 -7.63 -1.99 -1.75
C LEU A 127 -6.61 -1.03 -2.27
N SER A 128 -6.73 -0.72 -3.55
CA SER A 128 -5.83 0.20 -4.19
C SER A 128 -5.86 1.55 -3.46
N GLN A 129 -7.06 2.05 -3.20
CA GLN A 129 -7.15 3.35 -2.53
C GLN A 129 -6.57 3.26 -1.13
N ASN A 130 -6.92 2.18 -0.44
CA ASN A 130 -6.41 1.92 0.90
C ASN A 130 -4.88 1.99 0.97
N LEU A 131 -4.21 1.25 0.10
CA LEU A 131 -2.76 1.30 0.02
C LEU A 131 -2.23 2.69 -0.25
N ILE A 132 -2.85 3.42 -1.19
CA ILE A 132 -2.39 4.78 -1.45
C ILE A 132 -2.50 5.63 -0.18
N GLN A 133 -3.54 5.36 0.62
CA GLN A 133 -3.80 6.12 1.83
C GLN A 133 -2.78 5.79 2.90
N GLN A 134 -2.46 4.51 3.02
CA GLN A 134 -1.44 4.09 3.93
C GLN A 134 -0.14 4.76 3.51
N ALA A 135 0.05 4.91 2.22
CA ALA A 135 1.30 5.43 1.72
C ALA A 135 1.40 6.89 2.13
N LYS A 136 0.26 7.58 2.11
CA LYS A 136 0.21 8.97 2.58
C LYS A 136 0.43 9.10 4.09
N PHE A 137 -0.12 8.17 4.87
CA PHE A 137 0.11 8.18 6.31
C PHE A 137 1.58 7.96 6.65
N TYR A 138 2.15 6.85 6.17
CA TYR A 138 3.58 6.57 6.31
C TYR A 138 4.45 7.75 5.88
N GLU A 139 4.12 8.39 4.76
CA GLU A 139 4.83 9.58 4.32
C GLU A 139 4.70 10.70 5.35
N SER A 140 3.51 10.83 5.93
CA SER A 140 3.17 11.94 6.80
C SER A 140 3.93 11.88 8.10
N ILE A 141 3.99 10.66 8.63
CA ILE A 141 4.72 10.40 9.86
C ILE A 141 6.13 10.95 9.79
N MET A 142 6.76 10.75 8.64
CA MET A 142 8.13 11.17 8.34
C MET A 142 8.26 12.66 8.07
N LYS A 143 7.39 13.18 7.21
CA LYS A 143 7.53 14.55 6.72
C LYS A 143 6.69 15.64 7.42
N ILE A 144 5.85 15.27 8.38
CA ILE A 144 5.03 16.28 9.06
C ILE A 144 5.21 16.29 10.56
N LEU A 145 5.34 17.51 11.08
CA LEU A 145 5.70 17.76 12.44
C LEU A 145 4.51 17.53 13.33
N ARG A 146 4.67 16.67 14.31
CA ARG A 146 3.57 16.43 15.23
C ARG A 146 3.93 16.90 16.63
N PRO A 147 3.39 18.04 17.04
CA PRO A 147 3.82 18.67 18.29
C PRO A 147 3.63 17.77 19.49
N LYS A 148 4.57 17.88 20.43
CA LYS A 148 4.62 17.01 21.58
C LYS A 148 3.58 17.52 22.58
N PRO A 149 2.67 16.64 22.99
CA PRO A 149 1.75 16.99 24.05
C PRO A 149 2.52 17.15 25.35
N ASP A 150 2.03 17.99 26.25
CA ASP A 150 2.56 17.98 27.60
C ASP A 150 1.60 17.14 28.41
N TYR A 151 2.10 16.40 29.41
CA TYR A 151 1.23 15.66 30.31
C TYR A 151 1.27 16.25 31.72
N PHE A 152 0.13 16.31 32.40
CA PHE A 152 0.08 16.85 33.78
C PHE A 152 -0.56 15.92 34.81
N ALA A 153 0.03 15.82 36.00
CA ALA A 153 -0.57 15.07 37.07
C ALA A 153 -1.44 16.01 37.89
N VAL A 154 -2.67 15.58 38.18
CA VAL A 154 -3.62 16.31 39.01
C VAL A 154 -4.04 15.38 40.13
N GLY A 155 -3.73 15.72 41.37
CA GLY A 155 -4.36 15.09 42.51
C GLY A 155 -5.60 15.84 42.94
N TYR A 156 -6.63 15.10 43.34
CA TYR A 156 -7.87 15.69 43.84
C TYR A 156 -8.05 15.22 45.27
N TYR A 157 -7.91 16.12 46.24
CA TYR A 157 -7.89 15.72 47.64
C TYR A 157 -8.99 16.34 48.47
N GLY A 158 -9.44 15.62 49.50
CA GLY A 158 -10.49 16.11 50.38
C GLY A 158 -11.87 15.52 50.19
N GLN A 159 -12.63 15.47 51.27
CA GLN A 159 -13.95 14.85 51.23
C GLN A 159 -14.92 15.60 50.32
N GLY A 160 -14.53 16.79 49.90
CA GLY A 160 -15.39 17.60 49.06
C GLY A 160 -15.62 16.98 47.69
N PHE A 161 -14.72 16.08 47.30
CA PHE A 161 -14.83 15.44 45.99
C PHE A 161 -15.69 14.16 45.96
N PRO A 162 -16.31 13.89 44.81
CA PRO A 162 -16.97 12.61 44.53
C PRO A 162 -16.00 11.45 44.70
N SER A 163 -16.53 10.25 44.87
CA SER A 163 -15.70 9.07 45.06
C SER A 163 -14.80 8.82 43.86
N PHE A 164 -15.32 9.04 42.66
CA PHE A 164 -14.56 8.77 41.45
C PHE A 164 -13.34 9.68 41.24
N LEU A 165 -13.24 10.70 42.07
CA LEU A 165 -12.16 11.69 42.05
C LEU A 165 -11.35 11.65 43.35
N ARG A 166 -12.08 11.69 44.46
CA ARG A 166 -11.56 11.95 45.79
C ARG A 166 -10.28 11.19 46.14
N ASN A 167 -9.29 11.96 46.60
CA ASN A 167 -7.97 11.47 46.99
C ASN A 167 -7.30 10.56 45.98
N LYS A 168 -7.57 10.78 44.70
CA LYS A 168 -6.91 10.02 43.64
C LYS A 168 -6.00 10.93 42.84
N VAL A 169 -5.20 10.37 41.95
CA VAL A 169 -4.38 11.17 41.05
C VAL A 169 -4.56 10.73 39.61
N PHE A 170 -4.77 11.69 38.72
CA PHE A 170 -4.90 11.39 37.31
C PHE A 170 -3.79 12.01 36.50
N ILE A 171 -3.41 11.34 35.43
CA ILE A 171 -2.53 11.93 34.45
C ILE A 171 -3.38 12.37 33.28
N TYR A 172 -3.20 13.64 32.92
CA TYR A 172 -3.91 14.31 31.83
C TYR A 172 -3.00 14.53 30.61
N ARG A 173 -3.63 14.45 29.44
CA ARG A 173 -2.98 14.70 28.18
C ARG A 173 -3.31 16.09 27.67
N GLY A 174 -2.32 16.97 27.70
CA GLY A 174 -2.52 18.35 27.33
C GLY A 174 -2.60 18.59 25.85
N LYS A 175 -3.06 19.77 25.48
CA LYS A 175 -3.09 20.17 24.10
C LYS A 175 -1.64 20.44 23.68
N GLU A 176 -1.44 20.87 22.43
CA GLU A 176 -0.10 20.91 21.86
C GLU A 176 0.83 21.96 22.48
N TYR A 177 1.93 21.45 23.03
CA TYR A 177 2.90 22.19 23.86
C TYR A 177 2.21 22.97 25.01
N GLU A 178 1.04 22.50 25.44
CA GLU A 178 0.22 23.24 26.43
C GLU A 178 1.01 23.45 27.74
N ARG A 179 0.82 24.60 28.37
CA ARG A 179 1.58 24.88 29.57
C ARG A 179 0.75 24.69 30.83
N ARG A 180 1.38 24.24 31.91
CA ARG A 180 0.65 24.02 33.15
C ARG A 180 -0.14 25.28 33.52
N GLU A 181 0.41 26.45 33.25
CA GLU A 181 -0.25 27.69 33.68
C GLU A 181 -1.70 27.72 33.21
N ASP A 182 -1.86 27.51 31.90
CA ASP A 182 -3.16 27.57 31.26
C ASP A 182 -4.00 26.36 31.60
N PHE A 183 -3.39 25.18 31.51
CA PHE A 183 -4.10 23.93 31.81
C PHE A 183 -4.74 23.99 33.19
N GLN A 184 -4.01 24.55 34.13
CA GLN A 184 -4.47 24.67 35.50
C GLN A 184 -5.48 25.81 35.66
N MET A 185 -5.35 26.87 34.85
CA MET A 185 -6.36 27.93 34.88
C MET A 185 -7.71 27.31 34.53
N GLN A 186 -7.75 26.66 33.36
CA GLN A 186 -8.94 25.93 32.92
C GLN A 186 -9.45 24.96 33.98
N LEU A 187 -8.56 24.11 34.46
CA LEU A 187 -8.95 23.14 35.45
C LEU A 187 -9.64 23.79 36.64
N MET A 188 -8.97 24.77 37.24
CA MET A 188 -9.58 25.47 38.35
C MET A 188 -10.96 25.98 37.95
N THR A 189 -11.12 26.36 36.69
CA THR A 189 -12.45 26.70 36.19
C THR A 189 -13.43 25.55 36.42
N GLN A 190 -12.99 24.32 36.19
CA GLN A 190 -13.87 23.17 36.43
C GLN A 190 -14.28 22.99 37.90
N PHE A 191 -13.48 23.51 38.83
CA PHE A 191 -13.72 23.27 40.26
C PHE A 191 -13.67 24.54 41.08
N PRO A 192 -14.77 25.30 41.08
CA PRO A 192 -14.81 26.62 41.70
C PRO A 192 -14.63 26.56 43.22
N ASN A 193 -15.11 25.51 43.85
CA ASN A 193 -15.02 25.35 45.31
C ASN A 193 -13.65 24.92 45.78
N ALA A 194 -12.76 24.69 44.81
CA ALA A 194 -11.43 24.13 45.07
C ALA A 194 -10.36 25.17 45.41
N GLU A 195 -9.45 24.79 46.28
CA GLU A 195 -8.24 25.55 46.53
C GLU A 195 -7.12 25.03 45.64
N LYS A 196 -6.36 25.97 45.09
CA LYS A 196 -5.12 25.64 44.40
C LYS A 196 -4.11 25.25 45.47
N MET A 197 -3.44 24.12 45.27
CA MET A 197 -2.48 23.58 46.22
C MET A 197 -1.05 24.01 45.83
N ASN A 198 -0.28 24.41 46.82
CA ASN A 198 1.00 25.06 46.57
C ASN A 198 2.25 24.18 46.50
N THR A 199 2.05 22.86 46.50
CA THR A 199 3.17 21.91 46.48
C THR A 199 2.98 20.79 45.46
N THR A 200 4.07 20.12 45.09
CA THR A 200 3.99 18.91 44.26
C THR A 200 4.11 17.63 45.08
N SER A 201 4.34 17.78 46.38
CA SER A 201 4.58 16.62 47.25
C SER A 201 3.29 16.11 47.87
N ALA A 202 3.10 14.79 47.80
CA ALA A 202 1.85 14.14 48.21
C ALA A 202 1.45 14.47 49.65
N PRO A 203 0.20 14.94 49.84
CA PRO A 203 -0.30 15.49 51.10
C PRO A 203 -0.62 14.40 52.12
N GLY A 204 -0.73 14.80 53.38
CA GLY A 204 -1.05 13.85 54.42
C GLY A 204 -2.53 13.65 54.65
N ASP A 205 -2.86 12.77 55.60
CA ASP A 205 -4.24 12.44 55.90
C ASP A 205 -4.98 13.63 56.51
N ASP A 206 -4.23 14.65 56.92
CA ASP A 206 -4.84 15.86 57.46
C ASP A 206 -5.49 16.64 56.33
N VAL A 207 -4.90 16.56 55.15
CA VAL A 207 -5.51 17.14 53.97
C VAL A 207 -6.58 16.21 53.41
N LYS A 208 -6.22 14.94 53.25
CA LYS A 208 -7.06 14.03 52.48
C LYS A 208 -8.39 13.85 53.19
N ASN A 209 -8.39 14.07 54.50
CA ASN A 209 -9.59 13.92 55.29
C ASN A 209 -10.44 15.17 55.51
N ALA A 210 -9.92 16.34 55.13
CA ALA A 210 -10.67 17.59 55.25
C ALA A 210 -11.89 17.64 54.33
N PRO A 211 -12.94 18.35 54.77
CA PRO A 211 -14.25 18.41 54.10
C PRO A 211 -14.29 19.13 52.73
N GLY A 212 -13.26 19.90 52.41
CA GLY A 212 -13.28 20.71 51.19
C GLY A 212 -12.62 20.05 49.99
N GLN A 213 -12.22 20.88 49.03
CA GLN A 213 -11.59 20.39 47.80
C GLN A 213 -10.24 21.04 47.51
N TYR A 214 -9.17 20.25 47.57
CA TYR A 214 -7.83 20.79 47.39
C TYR A 214 -7.15 20.09 46.20
N ILE A 215 -6.69 20.90 45.24
CA ILE A 215 -6.18 20.34 43.97
C ILE A 215 -4.69 20.59 43.68
N GLN A 216 -3.98 19.50 43.42
CA GLN A 216 -2.55 19.53 43.17
C GLN A 216 -2.28 19.34 41.69
N CYS A 217 -1.49 20.22 41.09
CA CYS A 217 -1.23 20.09 39.66
C CYS A 217 0.24 20.38 39.28
N PHE A 218 0.86 19.43 38.57
CA PHE A 218 2.24 19.63 38.11
C PHE A 218 2.56 18.84 36.86
N THR A 219 3.53 19.33 36.09
CA THR A 219 3.83 18.74 34.80
C THR A 219 4.60 17.44 34.98
N VAL A 220 4.22 16.40 34.25
CA VAL A 220 4.97 15.15 34.28
C VAL A 220 5.55 14.77 32.92
N GLN A 221 6.54 13.89 32.97
CA GLN A 221 7.25 13.46 31.79
C GLN A 221 6.89 12.03 31.40
N PRO A 222 6.48 11.83 30.12
CA PRO A 222 6.12 10.48 29.65
C PRO A 222 7.34 9.57 29.42
N VAL A 223 7.22 8.31 29.79
CA VAL A 223 8.28 7.33 29.60
C VAL A 223 7.98 6.49 28.38
N LEU A 224 8.98 6.27 27.54
CA LEU A 224 8.75 5.42 26.37
C LEU A 224 8.39 4.02 26.85
N ASP A 225 7.30 3.49 26.32
CA ASP A 225 6.84 2.15 26.67
C ASP A 225 7.63 1.12 25.88
N GLU A 226 7.84 -0.05 26.50
CA GLU A 226 8.49 -1.17 25.82
C GLU A 226 7.70 -1.59 24.57
N HIS A 227 8.40 -1.60 23.42
CA HIS A 227 7.81 -2.09 22.19
C HIS A 227 8.58 -3.24 21.60
N PRO A 228 7.92 -4.41 21.50
CA PRO A 228 8.58 -5.60 20.99
C PRO A 228 9.00 -5.37 19.54
N ARG A 229 8.13 -4.74 18.74
CA ARG A 229 8.41 -4.41 17.34
C ARG A 229 9.69 -3.61 17.13
N PHE A 230 10.07 -2.83 18.14
CA PHE A 230 11.27 -1.99 18.08
C PHE A 230 12.50 -2.59 18.76
N LYS A 231 12.36 -3.79 19.33
CA LYS A 231 13.36 -4.27 20.28
C LYS A 231 14.83 -4.16 19.85
N ASN A 232 15.27 -5.00 18.94
CA ASN A 232 16.67 -4.92 18.55
C ASN A 232 16.88 -4.18 17.27
N LYS A 233 15.78 -3.67 16.72
CA LYS A 233 15.79 -3.08 15.40
C LYS A 233 16.38 -1.65 15.37
N PRO A 234 16.86 -1.21 14.20
CA PRO A 234 17.42 0.13 14.00
C PRO A 234 16.34 1.14 13.66
N VAL A 235 15.49 1.44 14.63
CA VAL A 235 14.42 2.41 14.42
C VAL A 235 14.98 3.84 14.45
N PRO A 236 14.60 4.63 13.44
CA PRO A 236 15.04 6.02 13.20
C PRO A 236 14.36 7.01 14.13
N ASP A 237 15.06 8.06 14.54
CA ASP A 237 14.49 8.97 15.52
C ASP A 237 13.07 9.39 15.13
N GLN A 238 12.89 9.78 13.88
CA GLN A 238 11.60 10.32 13.48
C GLN A 238 10.45 9.33 13.69
N ILE A 239 10.73 8.04 13.67
CA ILE A 239 9.70 7.04 13.94
C ILE A 239 9.48 6.78 15.42
N ILE A 240 10.56 6.65 16.19
CA ILE A 240 10.44 6.26 17.59
C ILE A 240 10.13 7.40 18.60
N ASN A 241 10.56 8.62 18.27
CA ASN A 241 10.31 9.78 19.13
C ASN A 241 8.83 9.98 19.48
N PHE A 242 7.99 9.75 18.47
CA PHE A 242 6.57 9.94 18.65
C PHE A 242 6.11 9.07 19.81
N TYR A 243 6.56 7.82 19.82
CA TYR A 243 6.20 6.91 20.90
C TYR A 243 6.80 7.36 22.21
N LYS A 244 7.93 8.06 22.12
CA LYS A 244 8.50 8.66 23.32
C LYS A 244 7.46 9.55 24.01
N SER A 245 6.78 10.40 23.25
CA SER A 245 5.73 11.23 23.87
C SER A 245 4.24 10.83 23.72
N ASN A 246 3.94 9.71 23.08
CA ASN A 246 2.56 9.33 22.75
C ASN A 246 2.35 7.84 22.95
N TYR A 247 1.10 7.42 23.13
CA TYR A 247 0.77 6.03 23.49
C TYR A 247 1.53 5.58 24.72
N VAL A 248 1.22 6.19 25.86
CA VAL A 248 2.05 6.05 27.06
C VAL A 248 1.26 5.89 28.37
N GLN A 249 1.60 4.86 29.15
CA GLN A 249 1.08 4.77 30.51
C GLN A 249 2.00 5.03 31.72
N ARG A 250 3.26 5.39 31.48
CA ARG A 250 4.17 5.62 32.61
C ARG A 250 4.70 7.07 32.60
N PHE A 251 4.72 7.71 33.76
CA PHE A 251 5.15 9.12 33.84
C PHE A 251 6.08 9.41 35.03
N HIS A 252 7.05 10.31 34.84
CA HIS A 252 7.99 10.64 35.92
C HIS A 252 7.81 12.07 36.42
N TYR A 253 7.97 12.27 37.71
CA TYR A 253 8.17 13.62 38.23
C TYR A 253 9.50 13.72 38.98
N SER A 254 10.31 14.71 38.63
CA SER A 254 11.56 14.94 39.36
C SER A 254 11.61 16.26 40.11
N ARG A 255 11.97 16.20 41.39
CA ARG A 255 12.06 17.40 42.20
C ARG A 255 13.47 17.50 42.72
N PRO A 256 14.06 18.70 42.71
CA PRO A 256 15.37 18.84 43.32
C PRO A 256 15.25 18.85 44.83
N VAL A 257 16.20 18.20 45.50
CA VAL A 257 16.29 18.25 46.95
C VAL A 257 17.76 18.39 47.37
N ARG A 258 18.04 19.32 48.29
CA ARG A 258 19.39 19.45 48.81
C ARG A 258 19.56 18.57 50.03
N ARG A 259 20.46 17.61 49.93
CA ARG A 259 20.84 16.78 51.06
C ARG A 259 22.34 16.98 51.24
N GLY A 260 22.81 16.96 52.48
CA GLY A 260 24.14 17.46 52.79
C GLY A 260 24.05 18.97 52.83
N THR A 261 25.19 19.64 52.99
CA THR A 261 25.17 21.11 52.97
C THR A 261 25.65 21.64 51.62
N VAL A 262 24.96 22.67 51.12
CA VAL A 262 25.22 23.22 49.80
C VAL A 262 26.59 23.90 49.70
N ASP A 263 27.34 23.59 48.65
CA ASP A 263 28.51 24.37 48.31
C ASP A 263 28.09 25.40 47.27
N PRO A 264 28.28 26.68 47.59
CA PRO A 264 27.84 27.80 46.72
C PRO A 264 28.51 27.76 45.36
N GLU A 265 29.80 27.45 45.31
CA GLU A 265 30.46 27.38 44.02
C GLU A 265 29.90 26.23 43.19
N ASN A 266 29.68 25.09 43.82
CA ASN A 266 29.15 23.94 43.10
C ASN A 266 27.83 23.50 43.69
N GLU A 267 26.73 23.81 43.01
CA GLU A 267 25.43 23.49 43.53
C GLU A 267 25.11 22.07 43.15
N PHE A 268 25.88 21.55 42.19
CA PHE A 268 25.63 20.24 41.64
C PHE A 268 26.18 19.11 42.50
N ALA A 269 27.02 19.47 43.46
CA ALA A 269 27.61 18.48 44.35
C ALA A 269 26.58 18.03 45.35
N SER A 270 25.70 18.96 45.72
CA SER A 270 24.64 18.73 46.69
C SER A 270 23.23 18.45 46.15
N MET A 271 23.06 18.29 44.84
CA MET A 271 21.70 18.21 44.35
C MET A 271 21.20 16.79 44.07
N TRP A 272 20.39 16.33 45.02
CA TRP A 272 19.66 15.08 44.94
C TRP A 272 18.38 15.27 44.16
N ILE A 273 17.84 14.18 43.62
CA ILE A 273 16.55 14.26 42.96
C ILE A 273 15.55 13.26 43.54
N GLU A 274 14.33 13.74 43.75
CA GLU A 274 13.25 12.89 44.19
C GLU A 274 12.36 12.57 42.98
N ARG A 275 12.36 11.30 42.58
CA ARG A 275 11.62 10.91 41.38
C ARG A 275 10.46 9.98 41.64
N THR A 276 9.26 10.45 41.28
CA THR A 276 8.03 9.71 41.42
C THR A 276 7.61 9.11 40.07
N SER A 277 7.23 7.83 40.06
CA SER A 277 6.73 7.20 38.86
C SER A 277 5.26 6.94 39.06
N PHE A 278 4.47 7.37 38.07
CA PHE A 278 3.02 7.15 38.02
C PHE A 278 2.71 6.17 36.90
N VAL A 279 1.80 5.24 37.15
CA VAL A 279 1.29 4.36 36.12
C VAL A 279 -0.23 4.44 36.05
N THR A 280 -0.73 4.78 34.87
CA THR A 280 -2.15 4.94 34.60
C THR A 280 -2.85 3.63 34.27
N ALA A 281 -4.16 3.60 34.54
CA ALA A 281 -5.01 2.46 34.20
C ALA A 281 -4.95 2.09 32.72
N TYR A 282 -5.07 3.09 31.83
CA TYR A 282 -4.95 2.88 30.40
C TYR A 282 -3.97 3.87 29.84
N LYS A 283 -3.30 3.53 28.74
CA LYS A 283 -2.40 4.48 28.08
C LYS A 283 -3.16 5.67 27.50
N LEU A 284 -2.45 6.76 27.27
CA LEU A 284 -3.00 7.96 26.67
C LEU A 284 -2.30 8.10 25.32
N PRO A 285 -3.00 8.59 24.30
CA PRO A 285 -4.42 8.96 24.23
C PRO A 285 -5.39 7.75 24.31
N GLY A 286 -6.66 8.06 24.55
CA GLY A 286 -7.68 7.06 24.74
C GLY A 286 -9.04 7.74 24.66
N ILE A 287 -10.08 7.09 25.20
CA ILE A 287 -11.45 7.64 25.19
C ILE A 287 -11.65 8.90 26.05
N LEU A 288 -10.70 9.19 26.94
CA LEU A 288 -10.69 10.43 27.70
C LEU A 288 -9.32 11.05 27.59
N ARG A 289 -9.21 12.33 27.94
CA ARG A 289 -7.91 13.00 27.97
C ARG A 289 -7.18 12.74 29.30
N TRP A 290 -7.78 11.94 30.18
CA TRP A 290 -7.15 11.67 31.48
C TRP A 290 -7.44 10.27 32.02
N PHE A 291 -6.46 9.64 32.64
CA PHE A 291 -6.70 8.37 33.33
C PHE A 291 -6.13 8.38 34.73
N GLU A 292 -6.68 7.54 35.58
CA GLU A 292 -6.31 7.48 36.99
C GLU A 292 -4.99 6.72 37.19
N VAL A 293 -4.07 7.26 37.99
CA VAL A 293 -2.83 6.55 38.23
C VAL A 293 -3.15 5.44 39.19
N VAL A 294 -2.90 4.21 38.76
CA VAL A 294 -3.08 3.05 39.60
C VAL A 294 -1.79 2.62 40.31
N HIS A 295 -0.64 3.14 39.91
CA HIS A 295 0.57 2.71 40.59
C HIS A 295 1.58 3.83 40.79
N MET A 296 2.26 3.84 41.93
CA MET A 296 3.20 4.91 42.24
C MET A 296 4.43 4.40 42.97
N SER A 297 5.61 4.81 42.51
CA SER A 297 6.85 4.40 43.14
C SER A 297 7.75 5.60 43.34
N GLN A 298 8.65 5.51 44.31
CA GLN A 298 9.57 6.61 44.54
C GLN A 298 11.01 6.13 44.54
N THR A 299 11.89 6.98 44.02
CA THR A 299 13.30 6.64 43.94
C THR A 299 14.06 7.90 44.18
N THR A 300 15.26 7.76 44.76
CA THR A 300 16.11 8.91 44.99
C THR A 300 17.38 8.86 44.15
N ILE A 301 17.62 9.91 43.39
CA ILE A 301 18.79 10.00 42.54
C ILE A 301 19.88 10.83 43.23
N SER A 302 21.07 10.25 43.38
CA SER A 302 22.16 10.97 44.01
C SER A 302 22.69 11.99 43.02
N PRO A 303 23.41 13.02 43.52
CA PRO A 303 24.04 14.04 42.68
C PRO A 303 24.86 13.44 41.54
N LEU A 304 25.53 12.31 41.80
CA LEU A 304 26.28 11.66 40.74
C LEU A 304 25.39 10.97 39.70
N GLU A 305 24.36 10.28 40.17
CA GLU A 305 23.45 9.60 39.26
C GLU A 305 22.82 10.64 38.33
N ASN A 306 22.54 11.80 38.91
CA ASN A 306 21.98 12.91 38.18
C ASN A 306 22.96 13.52 37.18
N ALA A 307 24.19 13.74 37.61
CA ALA A 307 25.20 14.18 36.65
C ALA A 307 25.18 13.25 35.45
N ILE A 308 25.33 11.96 35.74
CA ILE A 308 25.30 10.95 34.68
C ILE A 308 24.11 11.16 33.73
N GLU A 309 22.91 11.28 34.31
CA GLU A 309 21.72 11.47 33.48
C GLU A 309 21.81 12.71 32.60
N THR A 310 22.25 13.82 33.19
CA THR A 310 22.37 15.09 32.50
C THR A 310 23.26 14.93 31.27
N MET A 311 24.43 14.36 31.49
CA MET A 311 25.36 14.06 30.41
C MET A 311 24.74 13.14 29.34
N SER A 312 24.06 12.09 29.77
CA SER A 312 23.43 11.16 28.84
C SER A 312 22.53 11.93 27.92
N THR A 313 21.66 12.72 28.54
CA THR A 313 20.70 13.53 27.84
C THR A 313 21.32 14.51 26.86
N ALA A 314 22.40 15.19 27.26
CA ALA A 314 23.09 16.11 26.37
C ALA A 314 23.61 15.37 25.15
N ASN A 315 24.34 14.29 25.39
CA ASN A 315 24.82 13.48 24.30
C ASN A 315 23.68 13.11 23.33
N GLU A 316 22.60 12.58 23.90
CA GLU A 316 21.41 12.22 23.14
C GLU A 316 20.97 13.39 22.25
N LYS A 317 20.84 14.57 22.85
CA LYS A 317 20.41 15.80 22.16
C LYS A 317 21.27 16.07 20.94
N ILE A 318 22.59 16.01 21.14
CA ILE A 318 23.52 16.36 20.07
C ILE A 318 23.44 15.34 18.95
N LEU A 319 23.32 14.08 19.32
CA LEU A 319 23.24 13.01 18.35
C LEU A 319 22.01 13.22 17.47
N MET A 320 20.89 13.45 18.15
CA MET A 320 19.60 13.63 17.49
C MET A 320 19.63 14.82 16.55
N MET A 321 20.03 15.96 17.06
CA MET A 321 20.25 17.12 16.23
C MET A 321 21.12 16.77 15.00
N ILE A 322 22.22 16.04 15.20
CA ILE A 322 23.07 15.69 14.09
C ILE A 322 22.33 14.92 13.01
N ASN A 323 21.52 13.95 13.42
CA ASN A 323 20.79 13.15 12.44
C ASN A 323 19.72 13.97 11.72
N GLN A 324 18.95 14.71 12.52
CA GLN A 324 17.92 15.65 12.06
C GLN A 324 18.48 16.62 11.02
N TYR A 325 19.67 17.14 11.25
CA TYR A 325 20.31 18.03 10.29
C TYR A 325 20.92 17.31 9.11
N GLN A 326 21.44 16.11 9.34
CA GLN A 326 22.17 15.40 8.31
C GLN A 326 21.19 14.98 7.22
N SER A 327 19.99 14.60 7.65
CA SER A 327 18.91 14.18 6.76
C SER A 327 18.22 15.32 5.99
N ASP A 328 17.74 16.32 6.74
CA ASP A 328 17.10 17.49 6.16
C ASP A 328 18.09 18.67 6.08
N GLU A 329 18.47 19.06 4.87
CA GLU A 329 19.46 20.11 4.67
C GLU A 329 18.87 21.53 4.48
N THR A 330 17.55 21.65 4.62
CA THR A 330 16.85 22.94 4.51
C THR A 330 16.70 23.69 5.83
N LEU A 331 17.02 23.03 6.94
CA LEU A 331 16.78 23.58 8.28
C LEU A 331 17.59 24.84 8.59
N PRO A 332 17.02 25.72 9.44
CA PRO A 332 17.72 26.91 9.94
C PRO A 332 18.88 26.49 10.87
N ILE A 333 20.04 27.13 10.80
CA ILE A 333 21.15 26.70 11.64
C ILE A 333 21.13 27.23 13.05
N ASN A 334 20.31 28.24 13.31
CA ASN A 334 20.34 28.87 14.63
C ASN A 334 20.22 27.88 15.80
N PRO A 335 19.28 26.94 15.70
CA PRO A 335 19.12 25.94 16.76
C PRO A 335 20.38 25.14 17.05
N LEU A 336 21.10 24.76 16.00
CA LEU A 336 22.39 24.07 16.13
C LEU A 336 23.41 24.97 16.82
N SER A 337 23.58 26.19 16.34
CA SER A 337 24.51 27.12 16.96
C SER A 337 24.23 27.13 18.46
N MET A 338 22.98 27.43 18.81
CA MET A 338 22.58 27.51 20.21
C MET A 338 22.95 26.27 21.01
N LEU A 339 22.51 25.10 20.55
CA LEU A 339 22.78 23.87 21.33
C LEU A 339 24.27 23.56 21.48
N LEU A 340 24.94 23.46 20.32
CA LEU A 340 26.35 23.13 20.27
C LEU A 340 27.12 24.08 21.15
N ASN A 341 27.11 25.36 20.80
CA ASN A 341 27.83 26.33 21.57
C ASN A 341 27.52 26.22 23.05
N GLY A 342 26.24 26.10 23.38
CA GLY A 342 25.83 25.95 24.77
C GLY A 342 26.54 24.84 25.53
N ILE A 343 26.83 23.74 24.84
CA ILE A 343 27.65 22.65 25.39
C ILE A 343 29.20 22.80 25.30
N VAL A 344 29.67 23.39 24.19
CA VAL A 344 31.10 23.53 23.99
C VAL A 344 31.68 24.64 24.84
N ASP A 345 30.91 25.71 25.01
CA ASP A 345 31.34 26.85 25.80
C ASP A 345 30.27 27.20 26.81
N PRO A 346 30.11 26.38 27.86
CA PRO A 346 29.12 26.68 28.89
C PRO A 346 29.68 27.72 29.87
N ALA A 347 29.87 28.94 29.37
CA ALA A 347 30.49 30.00 30.15
C ALA A 347 29.66 30.38 31.36
N VAL A 348 28.34 30.27 31.23
CA VAL A 348 27.48 30.63 32.35
C VAL A 348 27.41 29.53 33.41
N MET A 349 26.84 28.38 33.05
CA MET A 349 26.56 27.34 34.03
C MET A 349 27.75 26.46 34.41
N GLY A 350 28.79 26.48 33.59
CA GLY A 350 30.06 25.87 33.95
C GLY A 350 30.46 24.57 33.32
N GLY A 351 29.50 23.82 32.79
CA GLY A 351 29.81 22.58 32.10
C GLY A 351 30.29 21.44 32.99
N PHE A 352 30.73 20.35 32.38
CA PHE A 352 31.01 19.15 33.16
C PHE A 352 32.18 19.28 34.12
N ALA A 353 32.90 20.41 34.06
CA ALA A 353 33.92 20.67 35.07
C ALA A 353 33.29 20.66 36.46
N LYS A 354 32.06 21.20 36.57
CA LYS A 354 31.37 21.23 37.86
C LYS A 354 31.21 19.82 38.37
N TYR A 355 31.14 18.87 37.46
CA TYR A 355 31.05 17.48 37.84
C TYR A 355 32.42 16.95 38.30
N GLU A 356 33.46 17.24 37.51
CA GLU A 356 34.81 16.81 37.85
C GLU A 356 35.12 17.33 39.24
N LYS A 357 35.15 18.64 39.35
CA LYS A 357 35.43 19.28 40.63
C LYS A 357 34.56 18.71 41.75
N ALA A 358 33.34 18.28 41.44
CA ALA A 358 32.54 17.62 42.47
C ALA A 358 32.86 16.14 42.74
N PHE A 359 32.94 15.30 41.71
CA PHE A 359 33.03 13.86 41.99
C PHE A 359 34.41 13.19 41.85
N PHE A 360 35.36 13.91 41.27
CA PHE A 360 36.63 13.31 40.88
C PHE A 360 37.77 13.54 41.86
N THR A 361 37.46 14.18 42.98
CA THR A 361 38.48 14.38 43.99
C THR A 361 38.67 13.07 44.72
N GLU A 362 39.67 13.04 45.60
CA GLU A 362 40.06 11.86 46.32
C GLU A 362 39.05 11.58 47.42
N GLU A 363 38.59 12.67 48.05
CA GLU A 363 37.68 12.60 49.16
C GLU A 363 36.40 11.86 48.81
N TYR A 364 35.82 12.17 47.65
CA TYR A 364 34.56 11.56 47.24
C TYR A 364 34.68 10.05 47.00
N VAL A 365 35.69 9.67 46.24
CA VAL A 365 35.92 8.28 45.90
C VAL A 365 36.24 7.46 47.14
N ARG A 366 37.01 8.05 48.04
CA ARG A 366 37.29 7.42 49.32
C ARG A 366 36.00 7.28 50.15
N ASP A 367 35.13 8.29 50.10
CA ASP A 367 33.87 8.27 50.86
C ASP A 367 32.80 7.37 50.23
N HIS A 368 32.94 7.10 48.93
CA HIS A 368 31.99 6.27 48.21
C HIS A 368 32.70 5.33 47.26
N PRO A 369 33.20 4.21 47.78
CA PRO A 369 33.79 3.17 46.93
C PRO A 369 32.73 2.52 46.05
N GLU A 370 31.52 2.37 46.59
CA GLU A 370 30.44 1.70 45.89
C GLU A 370 30.05 2.47 44.63
N ASP A 371 30.64 3.64 44.44
CA ASP A 371 30.32 4.49 43.29
C ASP A 371 31.29 4.31 42.11
N GLN A 372 32.28 3.42 42.27
CA GLN A 372 33.37 3.37 41.30
C GLN A 372 32.85 3.31 39.86
N ASP A 373 32.04 2.29 39.55
CA ASP A 373 31.54 2.14 38.20
C ASP A 373 30.87 3.40 37.70
N LYS A 374 29.98 3.96 38.51
CA LYS A 374 29.27 5.17 38.12
C LYS A 374 30.28 6.26 37.76
N LEU A 375 31.26 6.49 38.63
CA LEU A 375 32.29 7.48 38.33
C LEU A 375 32.87 7.21 36.95
N THR A 376 33.26 5.97 36.71
CA THR A 376 33.79 5.58 35.41
C THR A 376 32.80 5.91 34.30
N HIS A 377 31.54 5.49 34.47
CA HIS A 377 30.50 5.80 33.48
C HIS A 377 30.53 7.29 33.18
N LEU A 378 30.56 8.12 34.21
CA LEU A 378 30.56 9.56 33.99
C LEU A 378 31.70 9.95 33.05
N LYS A 379 32.91 9.53 33.42
CA LYS A 379 34.09 9.82 32.61
C LYS A 379 33.82 9.40 31.16
N ASP A 380 33.35 8.16 31.00
CA ASP A 380 33.01 7.67 29.66
C ASP A 380 32.08 8.64 28.90
N LEU A 381 30.98 9.03 29.55
CA LEU A 381 30.05 9.99 28.96
C LEU A 381 30.75 11.25 28.47
N ILE A 382 31.64 11.81 29.30
CA ILE A 382 32.42 12.99 28.92
C ILE A 382 33.35 12.69 27.76
N ALA A 383 34.01 11.54 27.82
CA ALA A 383 34.83 11.11 26.70
C ALA A 383 33.96 11.04 25.46
N TRP A 384 32.73 10.59 25.64
CA TRP A 384 31.86 10.40 24.48
C TRP A 384 31.26 11.70 23.96
N GLN A 385 31.32 12.75 24.77
CA GLN A 385 30.72 14.02 24.38
C GLN A 385 31.49 14.68 23.24
N ILE A 386 32.82 14.47 23.24
CA ILE A 386 33.74 15.10 22.27
C ILE A 386 33.48 14.84 20.79
N PRO A 387 33.46 13.55 20.37
CA PRO A 387 33.31 13.20 18.95
C PRO A 387 31.96 13.62 18.42
N PHE A 388 30.95 13.51 19.27
CA PHE A 388 29.60 14.00 18.99
C PHE A 388 29.59 15.49 18.66
N LEU A 389 30.04 16.31 19.61
CA LEU A 389 30.18 17.75 19.40
C LEU A 389 30.91 18.06 18.10
N GLY A 390 32.02 17.37 17.88
CA GLY A 390 32.82 17.54 16.68
C GLY A 390 32.07 17.23 15.41
N ALA A 391 31.31 16.14 15.41
CA ALA A 391 30.50 15.79 14.25
C ALA A 391 29.54 16.91 13.91
N GLY A 392 28.85 17.40 14.93
CA GLY A 392 27.88 18.47 14.74
C GLY A 392 28.51 19.79 14.36
N ILE A 393 29.70 20.07 14.89
CA ILE A 393 30.44 21.29 14.54
C ILE A 393 30.88 21.30 13.06
N LYS A 394 31.35 20.15 12.56
CA LYS A 394 31.64 19.99 11.15
C LYS A 394 30.44 20.36 10.27
N ILE A 395 29.24 19.92 10.66
CA ILE A 395 28.00 20.30 9.98
C ILE A 395 27.82 21.80 10.09
N HIS A 396 27.92 22.33 11.30
CA HIS A 396 27.81 23.76 11.50
C HIS A 396 28.73 24.47 10.52
N GLU A 397 29.95 23.95 10.41
CA GLU A 397 30.95 24.55 9.56
C GLU A 397 30.44 24.66 8.11
N LYS A 398 29.81 23.61 7.61
CA LYS A 398 29.26 23.67 6.25
C LYS A 398 28.11 24.68 6.11
N ARG A 399 27.15 24.63 7.02
CA ARG A 399 25.88 25.38 6.87
C ARG A 399 25.85 26.86 7.29
N VAL A 400 26.81 27.29 8.10
CA VAL A 400 26.74 28.60 8.78
C VAL A 400 26.83 29.84 7.89
N SER A 401 25.99 30.82 8.19
CA SER A 401 25.95 32.08 7.45
C SER A 401 27.25 32.88 7.65
N ASP A 402 27.54 33.80 6.74
CA ASP A 402 28.78 34.56 6.86
C ASP A 402 28.75 35.42 8.13
N ASN A 403 27.56 35.95 8.43
CA ASN A 403 27.34 36.76 9.63
C ASN A 403 27.96 36.08 10.83
N LEU A 404 27.77 34.77 10.88
CA LEU A 404 28.15 33.96 12.02
C LEU A 404 29.49 33.25 11.90
N ARG A 405 30.27 33.56 10.87
CA ARG A 405 31.55 32.88 10.70
C ARG A 405 32.51 33.09 11.88
N PRO A 406 32.63 34.34 12.36
CA PRO A 406 33.44 34.63 13.56
C PRO A 406 32.91 33.84 14.75
N PHE A 407 31.59 33.81 14.93
CA PHE A 407 31.01 32.96 15.95
C PHE A 407 31.48 31.51 15.81
N HIS A 408 31.33 30.94 14.61
CA HIS A 408 31.76 29.56 14.40
C HIS A 408 33.26 29.36 14.57
N ASP A 409 34.06 30.28 14.06
CA ASP A 409 35.50 30.18 14.20
C ASP A 409 35.89 30.04 15.68
N ARG A 410 35.16 30.73 16.54
CA ARG A 410 35.42 30.67 17.98
C ARG A 410 34.91 29.37 18.62
N MET A 411 33.76 28.89 18.17
CA MET A 411 33.23 27.60 18.61
C MET A 411 34.29 26.51 18.35
N GLU A 412 34.80 26.47 17.12
CA GLU A 412 35.82 25.49 16.76
C GLU A 412 37.03 25.58 17.71
N GLU A 413 37.52 26.80 17.96
CA GLU A 413 38.60 27.05 18.92
C GLU A 413 38.34 26.35 20.24
N CYS A 414 37.24 26.74 20.90
CA CYS A 414 36.88 26.15 22.18
C CYS A 414 36.85 24.65 22.08
N PHE A 415 36.23 24.15 21.03
CA PHE A 415 36.16 22.72 20.83
C PHE A 415 37.53 22.07 20.77
N LYS A 416 38.39 22.56 19.88
CA LYS A 416 39.75 22.03 19.77
C LYS A 416 40.43 22.00 21.14
N ASN A 417 40.44 23.14 21.82
CA ASN A 417 40.99 23.16 23.15
C ASN A 417 40.37 22.11 24.08
N LEU A 418 39.05 21.94 24.02
CA LEU A 418 38.34 20.98 24.88
C LEU A 418 38.62 19.53 24.48
N LYS A 419 38.68 19.28 23.17
CA LYS A 419 39.00 17.95 22.67
C LYS A 419 40.35 17.55 23.25
N MET A 420 41.29 18.49 23.19
CA MET A 420 42.66 18.27 23.63
C MET A 420 42.70 17.92 25.10
N LYS A 421 42.06 18.76 25.92
CA LYS A 421 42.00 18.55 27.38
C LYS A 421 41.35 17.22 27.75
N VAL A 422 40.17 16.98 27.20
CA VAL A 422 39.39 15.78 27.55
C VAL A 422 40.04 14.49 27.07
N GLU A 423 40.56 14.48 25.85
CA GLU A 423 41.22 13.28 25.34
C GLU A 423 42.41 12.91 26.22
N LYS A 424 43.24 13.91 26.51
CA LYS A 424 44.36 13.71 27.40
C LYS A 424 43.90 12.99 28.66
N GLU A 425 42.84 13.51 29.27
CA GLU A 425 42.36 13.04 30.56
C GLU A 425 41.49 11.76 30.60
N TYR A 426 40.44 11.70 29.79
CA TYR A 426 39.51 10.54 29.78
C TYR A 426 39.65 9.56 28.61
N GLY A 427 40.50 9.90 27.65
CA GLY A 427 40.71 9.01 26.52
C GLY A 427 40.04 9.46 25.23
N VAL A 428 40.21 8.65 24.20
CA VAL A 428 39.67 8.95 22.88
C VAL A 428 38.40 8.13 22.65
N ARG A 429 37.41 8.71 21.97
CA ARG A 429 36.26 7.98 21.44
C ARG A 429 36.02 8.48 20.03
N GLU A 430 35.82 7.59 19.07
CA GLU A 430 35.36 8.02 17.76
C GLU A 430 34.04 7.35 17.42
N MET A 431 33.18 8.05 16.68
CA MET A 431 31.78 7.61 16.62
C MET A 431 31.42 6.61 15.53
N MET B 8 7.62 24.66 11.55
CA MET B 8 7.63 25.67 12.61
C MET B 8 8.75 26.72 12.47
N GLN B 9 8.39 27.98 12.71
CA GLN B 9 9.31 29.11 12.65
C GLN B 9 10.27 29.16 13.82
N ALA B 10 11.55 29.41 13.54
CA ALA B 10 12.57 29.49 14.59
C ALA B 10 12.86 30.94 14.96
N ILE B 11 12.93 31.22 16.26
CA ILE B 11 13.24 32.57 16.74
C ILE B 11 14.45 32.58 17.65
N LYS B 12 15.36 33.51 17.39
CA LYS B 12 16.60 33.63 18.16
C LYS B 12 16.53 34.78 19.16
N CYS B 13 16.43 34.44 20.43
CA CYS B 13 16.31 35.43 21.50
C CYS B 13 17.56 35.43 22.37
N VAL B 14 18.33 36.50 22.29
CA VAL B 14 19.54 36.64 23.09
C VAL B 14 19.32 37.41 24.40
N VAL B 15 19.71 36.80 25.50
CA VAL B 15 19.42 37.31 26.83
C VAL B 15 20.68 37.90 27.48
N VAL B 16 20.69 39.20 27.73
CA VAL B 16 21.88 39.87 28.27
C VAL B 16 21.60 40.55 29.62
N GLY B 17 22.60 41.22 30.18
CA GLY B 17 22.52 41.75 31.55
C GLY B 17 23.46 41.15 32.58
N ASP B 18 23.53 41.78 33.76
CA ASP B 18 24.58 41.53 34.75
C ASP B 18 24.47 40.17 35.43
N GLY B 19 25.44 39.88 36.31
CA GLY B 19 25.49 38.60 37.00
C GLY B 19 24.34 38.40 37.95
N ALA B 20 24.13 39.39 38.82
CA ALA B 20 23.09 39.28 39.83
C ALA B 20 21.76 38.79 39.24
N VAL B 21 21.40 39.32 38.07
CA VAL B 21 20.05 39.24 37.54
C VAL B 21 19.37 37.87 37.58
N GLY B 22 20.14 36.81 37.42
CA GLY B 22 19.59 35.46 37.44
C GLY B 22 18.91 35.00 36.15
N LYS B 23 19.53 35.28 35.01
CA LYS B 23 18.99 34.91 33.70
C LYS B 23 18.78 33.40 33.54
N ASN B 24 19.79 32.62 33.88
CA ASN B 24 19.69 31.17 33.77
C ASN B 24 18.38 30.75 34.44
N CYS B 25 18.24 31.13 35.70
CA CYS B 25 17.10 30.72 36.51
C CYS B 25 15.78 31.02 35.79
N LEU B 26 15.66 32.24 35.30
CA LEU B 26 14.55 32.69 34.49
C LEU B 26 14.26 31.71 33.33
N LEU B 27 15.18 31.66 32.36
CA LEU B 27 15.02 30.85 31.15
C LEU B 27 14.67 29.39 31.44
N ILE B 28 15.46 28.75 32.29
CA ILE B 28 15.25 27.33 32.55
C ILE B 28 13.92 27.11 33.27
N SER B 29 13.59 28.02 34.18
CA SER B 29 12.32 27.96 34.89
C SER B 29 11.17 27.97 33.88
N TYR B 30 11.31 28.77 32.84
CA TYR B 30 10.27 28.88 31.82
C TYR B 30 10.24 27.68 30.87
N THR B 31 11.34 27.43 30.18
CA THR B 31 11.39 26.37 29.19
C THR B 31 11.04 24.96 29.72
N THR B 32 11.33 24.67 30.98
CA THR B 32 11.05 23.33 31.49
C THR B 32 9.61 23.17 32.01
N ASN B 33 8.81 24.21 31.88
CA ASN B 33 7.46 24.19 32.42
C ASN B 33 7.54 23.68 33.85
N ALA B 34 8.51 24.18 34.61
CA ALA B 34 8.76 23.67 35.95
C ALA B 34 7.76 24.21 36.97
N PHE B 35 7.43 23.40 37.98
CA PHE B 35 6.68 23.90 39.12
C PHE B 35 7.54 24.97 39.77
N PRO B 36 6.93 26.03 40.33
CA PRO B 36 7.75 27.11 40.88
C PRO B 36 8.72 26.67 42.00
N GLY B 37 10.00 27.00 41.83
CA GLY B 37 11.04 26.60 42.76
C GLY B 37 11.67 25.25 42.45
N GLU B 38 10.94 24.44 41.68
CA GLU B 38 11.30 23.07 41.41
C GLU B 38 12.06 22.79 40.10
N TYR B 39 12.48 23.85 39.42
CA TYR B 39 13.38 23.71 38.27
C TYR B 39 14.68 22.99 38.67
N ILE B 40 15.18 22.15 37.77
CA ILE B 40 16.41 21.41 37.96
C ILE B 40 17.49 21.98 37.04
N PRO B 41 18.46 22.72 37.59
CA PRO B 41 19.43 23.36 36.71
C PRO B 41 20.39 22.32 36.15
N THR B 42 21.06 22.65 35.04
CA THR B 42 22.12 21.81 34.50
C THR B 42 23.38 22.62 34.26
N VAL B 43 24.42 21.94 33.76
CA VAL B 43 25.72 22.57 33.61
C VAL B 43 25.88 23.21 32.26
N PHE B 44 24.94 23.00 31.35
CA PHE B 44 25.07 23.57 30.00
C PHE B 44 24.17 24.76 29.69
N ASP B 45 24.68 25.61 28.81
CA ASP B 45 23.98 26.83 28.40
C ASP B 45 22.92 26.77 27.31
N ASN B 46 22.13 27.82 27.35
CA ASN B 46 20.89 28.05 26.63
C ASN B 46 19.80 27.02 26.84
N TYR B 47 18.81 27.04 25.97
CA TYR B 47 17.50 26.49 26.29
C TYR B 47 16.57 26.76 25.12
N SER B 48 15.52 25.94 25.03
CA SER B 48 14.72 25.92 23.84
C SER B 48 13.28 25.66 24.27
N ALA B 49 12.35 26.41 23.70
CA ALA B 49 10.94 26.14 23.96
C ALA B 49 10.22 25.92 22.64
N ASN B 50 9.15 25.15 22.68
CA ASN B 50 8.26 25.11 21.56
C ASN B 50 6.90 25.63 22.02
N VAL B 51 6.37 26.62 21.30
CA VAL B 51 5.11 27.21 21.76
C VAL B 51 4.26 27.66 20.59
N MET B 52 2.94 27.58 20.71
CA MET B 52 2.03 28.28 19.80
C MET B 52 1.74 29.65 20.42
N VAL B 53 2.16 30.74 19.78
CA VAL B 53 2.12 32.02 20.48
C VAL B 53 0.82 32.80 20.25
N ASP B 54 0.67 33.40 19.08
CA ASP B 54 -0.65 33.85 18.67
C ASP B 54 -0.97 33.15 17.35
N GLY B 55 -1.82 32.13 17.43
CA GLY B 55 -2.20 31.36 16.27
C GLY B 55 -1.07 30.50 15.70
N LYS B 56 0.15 30.69 16.17
CA LYS B 56 1.28 30.12 15.46
C LYS B 56 2.28 29.40 16.36
N PRO B 57 2.72 28.18 15.92
CA PRO B 57 3.82 27.36 16.44
C PRO B 57 5.21 27.90 16.11
N VAL B 58 6.07 27.96 17.11
CA VAL B 58 7.43 28.43 16.91
C VAL B 58 8.37 27.76 17.88
N ASN B 59 9.64 27.79 17.51
CA ASN B 59 10.69 27.28 18.35
C ASN B 59 11.47 28.49 18.83
N LEU B 60 11.49 28.67 20.13
CA LEU B 60 12.15 29.80 20.74
C LEU B 60 13.49 29.35 21.25
N GLY B 61 14.56 29.73 20.53
CA GLY B 61 15.90 29.64 21.06
C GLY B 61 16.17 30.71 22.08
N LEU B 62 16.59 30.33 23.29
CA LEU B 62 16.98 31.32 24.30
C LEU B 62 18.46 31.21 24.57
N TRP B 63 19.23 32.20 24.11
CA TRP B 63 20.68 32.23 24.25
C TRP B 63 21.08 32.91 25.56
N ASP B 64 21.75 32.17 26.43
CA ASP B 64 22.19 32.74 27.71
C ASP B 64 23.61 33.32 27.59
N THR B 65 23.72 34.65 27.64
CA THR B 65 25.01 35.33 27.54
C THR B 65 25.71 35.49 28.89
N ALA B 66 27.04 35.48 28.89
CA ALA B 66 27.81 35.77 30.09
C ALA B 66 28.04 37.30 30.25
N GLY B 67 27.54 37.88 31.34
CA GLY B 67 27.62 39.32 31.51
C GLY B 67 28.94 39.80 32.11
N GLN B 68 29.82 38.84 32.33
CA GLN B 68 31.12 39.11 32.92
C GLN B 68 31.99 39.85 31.92
N GLU B 69 32.87 40.71 32.43
CA GLU B 69 33.60 41.63 31.57
C GLU B 69 34.65 40.93 30.72
N ASP B 70 35.14 39.80 31.19
CA ASP B 70 36.10 39.02 30.42
C ASP B 70 35.53 38.65 29.06
N TYR B 71 34.21 38.62 28.93
CA TYR B 71 33.62 38.25 27.66
C TYR B 71 33.26 39.41 26.75
N ASP B 72 33.61 40.63 27.14
CA ASP B 72 33.22 41.79 26.37
C ASP B 72 33.57 41.63 24.90
N ARG B 73 34.74 41.05 24.61
CA ARG B 73 35.17 40.87 23.22
C ARG B 73 34.57 39.63 22.53
N LEU B 74 34.27 38.58 23.29
CA LEU B 74 33.67 37.35 22.75
C LEU B 74 32.13 37.33 22.64
N ARG B 75 31.46 37.91 23.63
CA ARG B 75 30.01 37.77 23.75
C ARG B 75 29.27 38.11 22.46
N PRO B 76 29.52 39.30 21.90
CA PRO B 76 28.79 39.81 20.72
C PRO B 76 28.91 38.95 19.47
N LEU B 77 29.82 37.98 19.46
CA LEU B 77 29.91 37.03 18.36
C LEU B 77 28.59 36.27 18.17
N SER B 78 27.73 36.27 19.18
CA SER B 78 26.43 35.60 19.13
C SER B 78 25.33 36.46 18.51
N TYR B 79 25.60 37.76 18.39
CA TYR B 79 24.55 38.72 18.11
C TYR B 79 23.91 38.62 16.73
N PRO B 80 24.73 38.57 15.66
CA PRO B 80 24.20 38.59 14.29
C PRO B 80 23.05 37.61 14.09
N GLN B 81 21.98 38.06 13.45
CA GLN B 81 20.84 37.19 13.14
C GLN B 81 19.86 37.02 14.28
N THR B 82 20.12 37.69 15.40
CA THR B 82 19.16 37.81 16.50
C THR B 82 17.82 38.45 16.12
N ASP B 83 16.72 37.81 16.50
CA ASP B 83 15.38 38.34 16.26
C ASP B 83 14.92 39.32 17.34
N VAL B 84 15.24 39.01 18.59
CA VAL B 84 14.88 39.89 19.68
C VAL B 84 15.87 39.77 20.85
N PHE B 85 15.97 40.83 21.63
CA PHE B 85 16.83 40.84 22.80
C PHE B 85 16.01 40.99 24.08
N LEU B 86 16.39 40.30 25.15
CA LEU B 86 15.86 40.59 26.49
C LEU B 86 16.99 41.18 27.28
N ILE B 87 16.89 42.47 27.61
CA ILE B 87 17.87 43.07 28.50
C ILE B 87 17.34 42.99 29.92
N CYS B 88 18.15 42.44 30.81
CA CYS B 88 17.68 42.05 32.13
C CYS B 88 18.38 42.79 33.23
N PHE B 89 17.62 43.15 34.26
CA PHE B 89 18.21 43.71 35.45
C PHE B 89 17.42 43.22 36.66
N SER B 90 18.06 43.25 37.82
CA SER B 90 17.40 42.88 39.06
C SER B 90 16.68 44.11 39.55
N LEU B 91 15.43 43.96 39.96
CA LEU B 91 14.70 45.11 40.49
C LEU B 91 15.24 45.44 41.86
N VAL B 92 15.91 44.46 42.48
CA VAL B 92 16.58 44.66 43.75
C VAL B 92 18.10 44.96 43.66
N SER B 93 18.59 45.17 42.44
CA SER B 93 19.98 45.57 42.22
C SER B 93 20.15 46.83 41.39
N PRO B 94 20.05 48.00 42.02
CA PRO B 94 20.17 49.30 41.34
C PRO B 94 21.36 49.37 40.38
N ALA B 95 22.46 48.73 40.73
CA ALA B 95 23.66 48.75 39.89
C ALA B 95 23.42 48.17 38.49
N SER B 96 22.80 46.99 38.43
CA SER B 96 22.41 46.38 37.16
C SER B 96 21.52 47.31 36.36
N PHE B 97 20.49 47.81 37.03
CA PHE B 97 19.56 48.76 36.44
C PHE B 97 20.32 49.91 35.76
N GLU B 98 21.38 50.36 36.41
CA GLU B 98 22.20 51.41 35.83
C GLU B 98 22.96 50.89 34.63
N ASN B 99 23.41 49.64 34.71
CA ASN B 99 24.22 49.05 33.65
C ASN B 99 23.41 48.74 32.40
N VAL B 100 22.09 48.83 32.52
CA VAL B 100 21.23 48.77 31.35
C VAL B 100 21.51 49.91 30.37
N ARG B 101 21.45 51.16 30.85
CA ARG B 101 21.81 52.28 30.00
C ARG B 101 23.33 52.40 29.82
N ALA B 102 24.06 52.00 30.87
CA ALA B 102 25.52 52.13 30.90
C ALA B 102 26.23 51.26 29.86
N LYS B 103 25.86 49.97 29.83
CA LYS B 103 26.61 48.95 29.09
C LYS B 103 25.77 48.23 28.06
N TRP B 104 24.71 47.57 28.53
CA TRP B 104 23.90 46.68 27.69
C TRP B 104 23.28 47.34 26.46
N TYR B 105 22.33 48.26 26.63
CA TYR B 105 21.72 48.92 25.49
C TYR B 105 22.75 49.48 24.51
N PRO B 106 23.79 50.14 25.03
CA PRO B 106 24.86 50.55 24.12
C PRO B 106 25.45 49.39 23.30
N GLU B 107 25.79 48.28 23.95
CA GLU B 107 26.40 47.12 23.28
C GLU B 107 25.49 46.50 22.23
N VAL B 108 24.31 46.11 22.68
CA VAL B 108 23.27 45.57 21.82
C VAL B 108 23.03 46.47 20.60
N ARG B 109 22.79 47.75 20.83
CA ARG B 109 22.52 48.69 19.73
C ARG B 109 23.72 48.83 18.80
N HIS B 110 24.90 48.84 19.37
CA HIS B 110 26.10 48.89 18.57
C HIS B 110 26.11 47.74 17.57
N HIS B 111 25.84 46.51 18.02
CA HIS B 111 25.84 45.40 17.06
C HIS B 111 24.52 45.11 16.34
N CYS B 112 23.42 45.60 16.89
CA CYS B 112 22.12 45.33 16.29
C CYS B 112 21.22 46.56 16.39
N PRO B 113 21.47 47.53 15.51
CA PRO B 113 20.78 48.82 15.53
C PRO B 113 19.31 48.64 15.20
N ASN B 114 19.01 47.64 14.38
CA ASN B 114 17.64 47.35 13.99
C ASN B 114 16.83 46.52 14.96
N THR B 115 17.48 45.56 15.62
CA THR B 115 16.77 44.51 16.37
C THR B 115 16.09 44.97 17.68
N PRO B 116 14.81 44.59 17.88
CA PRO B 116 14.02 44.98 19.06
C PRO B 116 14.54 44.48 20.41
N ILE B 117 14.35 45.33 21.44
CA ILE B 117 14.73 45.01 22.81
C ILE B 117 13.50 44.88 23.73
N ILE B 118 13.55 43.94 24.66
CA ILE B 118 12.57 43.90 25.73
C ILE B 118 13.29 44.07 27.05
N LEU B 119 12.85 45.02 27.86
CA LEU B 119 13.50 45.28 29.14
C LEU B 119 12.80 44.50 30.22
N VAL B 120 13.56 43.69 30.96
CA VAL B 120 12.98 42.82 31.97
C VAL B 120 13.60 43.04 33.33
N GLY B 121 12.78 43.46 34.30
CA GLY B 121 13.24 43.47 35.68
C GLY B 121 13.00 42.12 36.30
N THR B 122 13.96 41.62 37.09
CA THR B 122 13.79 40.31 37.70
C THR B 122 13.78 40.36 39.22
N LYS B 123 13.67 39.20 39.84
CA LYS B 123 13.61 39.13 41.29
C LYS B 123 12.53 40.04 41.87
N LEU B 124 11.47 40.21 41.08
CA LEU B 124 10.32 41.01 41.45
C LEU B 124 9.81 40.57 42.81
N ASP B 125 9.90 39.28 43.06
CA ASP B 125 9.38 38.73 44.29
C ASP B 125 10.10 39.29 45.51
N LEU B 126 11.23 39.95 45.27
CA LEU B 126 12.05 40.46 46.36
C LEU B 126 11.88 41.94 46.68
N ARG B 127 11.09 42.65 45.89
CA ARG B 127 11.02 44.10 46.04
C ARG B 127 10.32 44.50 47.33
N ASP B 128 9.37 43.69 47.75
CA ASP B 128 8.65 43.92 49.00
C ASP B 128 9.22 43.12 50.15
N ASP B 129 10.37 42.49 49.94
CA ASP B 129 10.98 41.67 50.98
C ASP B 129 11.67 42.53 52.03
N LYS B 130 11.18 42.46 53.27
CA LYS B 130 11.63 43.37 54.31
C LYS B 130 13.14 43.31 54.50
N ASP B 131 13.68 42.10 54.45
CA ASP B 131 15.10 41.92 54.65
C ASP B 131 15.89 42.57 53.51
N THR B 132 15.42 42.34 52.29
CA THR B 132 16.10 42.84 51.11
C THR B 132 16.09 44.37 51.08
N ILE B 133 14.92 44.96 51.31
CA ILE B 133 14.84 46.41 51.47
C ILE B 133 15.77 46.92 52.56
N GLU B 134 15.92 46.13 53.63
CA GLU B 134 16.83 46.52 54.70
C GLU B 134 18.30 46.58 54.27
N LYS B 135 18.80 45.47 53.71
CA LYS B 135 20.17 45.46 53.22
C LYS B 135 20.39 46.60 52.24
N LEU B 136 19.46 46.78 51.30
CA LEU B 136 19.59 47.87 50.32
C LEU B 136 19.66 49.22 51.03
N LYS B 137 18.85 49.38 52.07
CA LYS B 137 18.81 50.63 52.81
C LYS B 137 20.17 50.89 53.46
N GLU B 138 20.74 49.87 54.11
CA GLU B 138 22.00 50.07 54.82
C GLU B 138 23.03 50.78 53.95
N LYS B 139 23.00 50.48 52.65
CA LYS B 139 23.89 51.09 51.65
C LYS B 139 23.32 52.38 51.05
N LYS B 140 22.23 52.88 51.65
CA LYS B 140 21.50 54.02 51.11
C LYS B 140 21.03 53.71 49.69
N LEU B 141 20.30 52.60 49.57
CA LEU B 141 19.74 52.17 48.29
C LEU B 141 18.28 51.73 48.43
N THR B 142 17.54 51.90 47.34
CA THR B 142 16.15 51.48 47.27
C THR B 142 15.89 50.67 45.98
N PRO B 143 15.05 49.62 46.05
CA PRO B 143 14.70 48.74 44.92
C PRO B 143 14.04 49.51 43.78
N ILE B 144 14.02 48.91 42.60
CA ILE B 144 13.50 49.62 41.43
C ILE B 144 11.97 49.53 41.31
N THR B 145 11.38 50.71 41.17
CA THR B 145 9.95 50.87 41.02
C THR B 145 9.52 50.67 39.58
N TYR B 146 8.26 50.27 39.40
CA TYR B 146 7.72 50.09 38.05
C TYR B 146 7.87 51.31 37.16
N PRO B 147 7.62 52.52 37.71
CA PRO B 147 7.71 53.68 36.83
C PRO B 147 9.16 54.00 36.47
N GLN B 148 10.10 53.68 37.34
CA GLN B 148 11.53 53.88 37.05
C GLN B 148 11.88 52.98 35.89
N GLY B 149 11.43 51.74 35.99
CA GLY B 149 11.70 50.72 34.98
C GLY B 149 11.11 51.10 33.65
N LEU B 150 9.87 51.58 33.69
CA LEU B 150 9.15 51.98 32.49
C LEU B 150 9.86 53.18 31.86
N ALA B 151 10.32 54.09 32.72
CA ALA B 151 11.05 55.25 32.29
C ALA B 151 12.27 54.80 31.50
N MET B 152 13.01 53.86 32.09
CA MET B 152 14.15 53.24 31.44
C MET B 152 13.80 52.64 30.07
N ALA B 153 12.76 51.81 30.02
CA ALA B 153 12.35 51.18 28.77
C ALA B 153 12.04 52.21 27.69
N LYS B 154 11.29 53.24 28.04
CA LYS B 154 10.90 54.27 27.08
C LYS B 154 12.15 55.01 26.56
N GLU B 155 13.08 55.23 27.48
CA GLU B 155 14.38 55.81 27.16
C GLU B 155 15.20 54.99 26.14
N ILE B 156 15.40 53.72 26.42
CA ILE B 156 16.30 52.91 25.60
C ILE B 156 15.59 52.40 24.34
N GLY B 157 14.35 52.84 24.14
CA GLY B 157 13.57 52.45 22.98
C GLY B 157 13.18 50.99 23.06
N ALA B 158 12.97 50.51 24.27
CA ALA B 158 12.60 49.12 24.48
C ALA B 158 11.16 48.97 24.06
N VAL B 159 10.91 47.92 23.29
CA VAL B 159 9.60 47.64 22.73
C VAL B 159 8.52 47.33 23.78
N LYS B 160 8.94 46.80 24.92
CA LYS B 160 8.04 46.49 26.03
C LYS B 160 8.88 46.53 27.30
N TYR B 161 8.26 46.83 28.43
CA TYR B 161 8.94 46.66 29.72
C TYR B 161 8.15 45.70 30.60
N LEU B 162 8.83 44.67 31.10
CA LEU B 162 8.17 43.69 31.95
C LEU B 162 8.94 43.34 33.24
N GLU B 163 8.19 43.04 34.28
CA GLU B 163 8.73 42.58 35.55
C GLU B 163 8.29 41.14 35.77
N CYS B 164 9.14 40.35 36.41
CA CYS B 164 8.80 38.95 36.67
C CYS B 164 9.64 38.39 37.81
N SER B 165 9.37 37.15 38.16
CA SER B 165 10.17 36.42 39.13
C SER B 165 10.24 34.95 38.73
N ALA B 166 11.44 34.38 38.70
CA ALA B 166 11.56 32.95 38.34
C ALA B 166 11.08 32.03 39.47
N LEU B 167 11.20 32.51 40.70
CA LEU B 167 10.82 31.73 41.85
C LEU B 167 9.31 31.58 41.94
N THR B 168 8.59 32.70 41.93
CA THR B 168 7.14 32.67 41.99
C THR B 168 6.54 32.44 40.62
N GLN B 169 7.31 32.75 39.57
CA GLN B 169 6.87 32.62 38.19
C GLN B 169 5.82 33.65 37.77
N ARG B 170 5.44 34.52 38.71
CA ARG B 170 4.63 35.68 38.39
C ARG B 170 5.33 36.49 37.30
N GLY B 171 4.64 36.70 36.19
CA GLY B 171 5.15 37.57 35.14
C GLY B 171 6.00 36.86 34.10
N LEU B 172 6.34 35.61 34.38
CA LEU B 172 7.34 34.86 33.60
C LEU B 172 6.89 34.48 32.20
N LYS B 173 5.73 33.85 32.06
CA LYS B 173 5.25 33.42 30.74
C LYS B 173 5.19 34.61 29.79
N THR B 174 4.92 35.77 30.37
CA THR B 174 4.59 36.95 29.61
C THR B 174 5.80 37.55 28.95
N VAL B 175 6.97 37.33 29.54
CA VAL B 175 8.22 37.83 29.00
C VAL B 175 8.45 37.21 27.64
N PHE B 176 8.27 35.90 27.57
CA PHE B 176 8.57 35.18 26.33
C PHE B 176 7.46 35.32 25.32
N ASP B 177 6.22 35.36 25.79
CA ASP B 177 5.13 35.80 24.92
C ASP B 177 5.51 37.11 24.25
N GLU B 178 5.88 38.11 25.05
CA GLU B 178 6.29 39.41 24.51
C GLU B 178 7.50 39.36 23.56
N ALA B 179 8.48 38.50 23.84
CA ALA B 179 9.59 38.31 22.91
C ALA B 179 9.06 37.90 21.53
N ILE B 180 8.24 36.86 21.51
CA ILE B 180 7.76 36.32 20.24
C ILE B 180 6.85 37.29 19.51
N ARG B 181 6.00 37.97 20.27
CA ARG B 181 5.09 38.96 19.70
C ARG B 181 5.92 40.10 19.11
N ALA B 182 7.05 40.42 19.74
CA ALA B 182 7.93 41.45 19.24
C ALA B 182 8.60 40.99 17.96
N VAL B 183 8.84 39.69 17.83
CA VAL B 183 9.44 39.23 16.58
C VAL B 183 8.45 39.17 15.41
N LEU B 184 7.33 38.46 15.61
CA LEU B 184 6.40 38.21 14.51
C LEU B 184 5.79 39.50 13.96
N SER C 5 19.34 -20.81 -32.55
CA SER C 5 19.19 -22.13 -31.95
C SER C 5 18.76 -22.01 -30.49
N LYS C 6 18.03 -20.94 -30.18
CA LYS C 6 17.77 -20.56 -28.80
C LYS C 6 17.01 -21.57 -27.92
N ASP C 7 16.08 -22.33 -28.50
CA ASP C 7 15.45 -23.41 -27.76
C ASP C 7 16.49 -24.45 -27.33
N ASN C 8 17.47 -24.70 -28.21
CA ASN C 8 18.54 -25.66 -27.96
C ASN C 8 19.56 -25.15 -26.95
N ARG C 9 20.06 -23.93 -27.18
CA ARG C 9 20.90 -23.27 -26.19
C ARG C 9 20.22 -23.26 -24.82
N MET C 10 18.94 -22.93 -24.75
CA MET C 10 18.24 -22.93 -23.46
C MET C 10 18.15 -24.32 -22.88
N SER C 11 17.91 -25.30 -23.73
CA SER C 11 17.90 -26.67 -23.24
C SER C 11 19.24 -27.04 -22.61
N CYS C 12 20.33 -26.87 -23.36
CA CYS C 12 21.66 -27.15 -22.83
C CYS C 12 21.84 -26.45 -21.50
N THR C 13 21.62 -25.14 -21.51
CA THR C 13 21.84 -24.31 -20.34
C THR C 13 21.09 -24.83 -19.11
N VAL C 14 19.80 -25.14 -19.28
CA VAL C 14 19.02 -25.72 -18.20
C VAL C 14 19.55 -27.10 -17.76
N ASN C 15 20.04 -27.89 -18.71
CA ASN C 15 20.59 -29.21 -18.40
C ASN C 15 21.79 -29.09 -17.47
N LEU C 16 22.72 -28.23 -17.85
CA LEU C 16 23.91 -28.01 -17.05
C LEU C 16 23.52 -27.36 -15.72
N LEU C 17 22.50 -26.50 -15.74
CA LEU C 17 21.96 -25.94 -14.51
C LEU C 17 21.55 -27.05 -13.54
N ASN C 18 20.60 -27.88 -13.95
CA ASN C 18 20.23 -29.05 -13.17
C ASN C 18 21.45 -29.85 -12.69
N PHE C 19 22.34 -30.16 -13.61
CA PHE C 19 23.57 -30.84 -13.23
C PHE C 19 24.24 -30.16 -12.04
N TYR C 20 24.40 -28.84 -12.10
CA TYR C 20 25.08 -28.14 -11.02
C TYR C 20 24.29 -28.17 -9.70
N LYS C 21 22.98 -28.03 -9.77
CA LYS C 21 22.16 -28.13 -8.57
C LYS C 21 22.39 -29.48 -7.91
N ASP C 22 22.21 -30.55 -8.69
CA ASP C 22 22.38 -31.92 -8.20
C ASP C 22 23.79 -32.15 -7.67
N ASN C 23 24.76 -31.47 -8.27
CA ASN C 23 26.15 -31.64 -7.89
C ASN C 23 26.68 -30.59 -6.91
N ASN C 24 25.78 -29.74 -6.43
CA ASN C 24 26.07 -28.87 -5.29
C ASN C 24 27.17 -27.86 -5.56
N ARG C 25 27.27 -27.39 -6.81
CA ARG C 25 28.23 -26.32 -7.11
C ARG C 25 27.51 -25.02 -7.36
N GLU C 26 27.58 -24.14 -6.37
CA GLU C 26 26.70 -22.98 -6.29
C GLU C 26 27.13 -21.91 -7.25
N GLU C 27 28.44 -21.69 -7.33
CA GLU C 27 28.95 -20.68 -8.24
C GLU C 27 28.53 -20.96 -9.68
N MET C 28 28.66 -22.21 -10.12
CA MET C 28 28.33 -22.58 -11.49
C MET C 28 26.85 -22.49 -11.71
N TYR C 29 26.11 -23.01 -10.74
CA TYR C 29 24.65 -22.93 -10.76
C TYR C 29 24.18 -21.49 -10.99
N ILE C 30 24.65 -20.56 -10.17
CA ILE C 30 24.36 -19.14 -10.35
C ILE C 30 24.82 -18.56 -11.70
N ARG C 31 26.03 -18.92 -12.13
CA ARG C 31 26.51 -18.49 -13.45
C ARG C 31 25.48 -18.86 -14.51
N TYR C 32 24.89 -20.03 -14.37
CA TYR C 32 23.88 -20.48 -15.31
C TYR C 32 22.48 -19.89 -15.14
N LEU C 33 22.05 -19.63 -13.91
CA LEU C 33 20.86 -18.80 -13.71
C LEU C 33 20.98 -17.55 -14.55
N TYR C 34 22.20 -17.01 -14.59
CA TYR C 34 22.39 -15.77 -15.33
C TYR C 34 22.50 -15.94 -16.85
N LYS C 35 23.16 -17.00 -17.28
CA LYS C 35 23.12 -17.38 -18.69
C LYS C 35 21.65 -17.46 -19.16
N LEU C 36 20.85 -18.23 -18.44
CA LEU C 36 19.43 -18.38 -18.76
C LEU C 36 18.70 -17.05 -18.75
N ARG C 37 18.93 -16.23 -17.73
CA ARG C 37 18.28 -14.92 -17.75
C ARG C 37 18.58 -14.20 -19.05
N ASP C 38 19.85 -14.12 -19.42
CA ASP C 38 20.23 -13.39 -20.64
C ASP C 38 19.56 -13.99 -21.86
N LEU C 39 19.44 -15.31 -21.88
CA LEU C 39 18.77 -16.00 -22.97
C LEU C 39 17.29 -15.62 -23.06
N HIS C 40 16.64 -15.43 -21.91
CA HIS C 40 15.25 -14.99 -21.89
C HIS C 40 15.07 -13.55 -22.34
N LEU C 41 15.96 -12.67 -21.89
CA LEU C 41 15.86 -11.28 -22.28
C LEU C 41 16.14 -11.12 -23.76
N ASP C 42 16.96 -12.01 -24.31
CA ASP C 42 17.17 -12.03 -25.76
C ASP C 42 15.83 -12.15 -26.49
N CYS C 43 15.05 -13.17 -26.11
CA CYS C 43 13.81 -13.52 -26.78
C CYS C 43 12.71 -12.60 -26.30
N ASP C 44 13.07 -11.69 -25.39
CA ASP C 44 12.13 -10.81 -24.73
C ASP C 44 11.14 -11.51 -23.82
N ASN C 45 11.55 -12.60 -23.15
CA ASN C 45 10.65 -13.19 -22.17
C ASN C 45 11.00 -12.69 -20.79
N TYR C 46 10.25 -11.71 -20.35
CA TYR C 46 10.53 -11.12 -19.07
C TYR C 46 10.01 -12.01 -17.95
N THR C 47 8.90 -12.69 -18.19
CA THR C 47 8.34 -13.53 -17.14
C THR C 47 9.30 -14.62 -16.72
N GLU C 48 9.89 -15.31 -17.68
CA GLU C 48 10.70 -16.44 -17.33
C GLU C 48 12.06 -15.96 -16.86
N ALA C 49 12.42 -14.74 -17.24
CA ALA C 49 13.62 -14.12 -16.70
C ALA C 49 13.44 -13.86 -15.20
N ALA C 50 12.30 -13.31 -14.82
CA ALA C 50 12.00 -13.11 -13.42
C ALA C 50 12.01 -14.45 -12.69
N TYR C 51 11.35 -15.44 -13.27
CA TYR C 51 11.26 -16.74 -12.62
C TYR C 51 12.65 -17.36 -12.43
N THR C 52 13.57 -17.13 -13.36
CA THR C 52 14.93 -17.64 -13.18
C THR C 52 15.69 -16.89 -12.09
N LEU C 53 15.55 -15.56 -12.01
CA LEU C 53 16.24 -14.86 -10.92
C LEU C 53 15.71 -15.28 -9.55
N LEU C 54 14.44 -15.65 -9.47
CA LEU C 54 13.94 -16.15 -8.19
C LEU C 54 14.72 -17.38 -7.72
N LEU C 55 15.31 -18.10 -8.66
CA LEU C 55 16.08 -19.31 -8.33
C LEU C 55 17.30 -18.90 -7.53
N HIS C 56 17.80 -17.72 -7.88
CA HIS C 56 18.93 -17.13 -7.19
C HIS C 56 18.56 -16.59 -5.81
N THR C 57 17.51 -15.77 -5.74
CA THR C 57 17.14 -15.21 -4.45
C THR C 57 16.68 -16.29 -3.47
N TRP C 58 16.28 -17.44 -3.99
CA TRP C 58 15.87 -18.51 -3.09
C TRP C 58 17.00 -18.86 -2.11
N LEU C 59 18.24 -18.58 -2.47
CA LEU C 59 19.39 -18.86 -1.61
C LEU C 59 19.67 -17.79 -0.58
N LEU C 60 19.25 -16.57 -0.86
CA LEU C 60 19.48 -15.45 0.05
C LEU C 60 18.46 -15.37 1.17
N LYS C 61 18.91 -14.94 2.35
CA LYS C 61 18.05 -14.82 3.53
C LYS C 61 17.86 -13.34 3.80
N TRP C 62 16.82 -12.97 4.53
CA TRP C 62 16.68 -11.57 4.89
C TRP C 62 17.50 -11.45 6.17
N SER C 63 18.63 -10.74 6.05
CA SER C 63 19.70 -10.86 7.03
C SER C 63 20.84 -9.91 6.73
N ASP C 64 21.64 -9.63 7.75
CA ASP C 64 22.76 -8.73 7.59
C ASP C 64 24.08 -9.46 7.43
N GLU C 65 24.00 -10.79 7.33
CA GLU C 65 25.16 -11.63 7.06
C GLU C 65 25.77 -11.28 5.71
N GLN C 66 27.09 -11.11 5.69
CA GLN C 66 27.77 -10.73 4.47
C GLN C 66 27.51 -11.78 3.40
N CYS C 67 27.38 -11.34 2.15
CA CYS C 67 27.19 -12.27 1.06
C CYS C 67 28.51 -12.96 0.79
N ALA C 68 28.48 -14.29 0.75
CA ALA C 68 29.66 -15.06 0.42
C ALA C 68 30.10 -14.73 -1.00
N SER C 69 31.38 -14.89 -1.26
CA SER C 69 31.93 -14.69 -2.60
C SER C 69 31.06 -15.45 -3.60
N GLN C 70 30.73 -16.69 -3.27
CA GLN C 70 30.13 -17.63 -4.22
C GLN C 70 28.62 -17.51 -4.39
N VAL C 71 27.94 -16.85 -3.45
CA VAL C 71 26.52 -16.58 -3.57
C VAL C 71 26.26 -15.31 -4.39
N MET C 72 27.28 -14.46 -4.50
CA MET C 72 27.21 -13.28 -5.38
C MET C 72 27.48 -13.69 -6.84
N GLN C 73 26.95 -12.92 -7.79
CA GLN C 73 27.21 -13.14 -9.21
C GLN C 73 28.56 -12.55 -9.65
N THR C 74 29.14 -13.16 -10.68
CA THR C 74 30.52 -12.89 -11.10
C THR C 74 30.85 -11.40 -11.33
N GLY C 75 29.94 -10.69 -11.98
CA GLY C 75 30.13 -9.28 -12.25
C GLY C 75 30.19 -8.40 -11.01
N GLN C 76 29.21 -8.54 -10.13
CA GLN C 76 29.05 -7.68 -8.95
C GLN C 76 30.28 -7.66 -8.03
N GLN C 77 30.48 -8.75 -7.30
CA GLN C 77 31.66 -8.95 -6.46
C GLN C 77 32.11 -7.76 -5.56
N HIS C 78 31.18 -7.23 -4.80
CA HIS C 78 31.50 -6.25 -3.75
C HIS C 78 30.72 -6.62 -2.48
N PRO C 79 31.23 -6.20 -1.30
CA PRO C 79 30.58 -6.58 -0.04
C PRO C 79 29.16 -6.04 0.10
N GLN C 80 28.24 -6.93 0.45
CA GLN C 80 26.81 -6.67 0.47
C GLN C 80 26.20 -7.58 1.53
N THR C 81 25.17 -7.11 2.24
CA THR C 81 24.43 -8.03 3.09
C THR C 81 23.49 -8.88 2.21
N HIS C 82 23.15 -10.06 2.69
CA HIS C 82 22.20 -10.89 1.97
C HIS C 82 20.99 -10.04 1.63
N ARG C 83 20.51 -9.29 2.62
CA ARG C 83 19.34 -8.45 2.43
C ARG C 83 19.53 -7.44 1.29
N GLN C 84 20.71 -6.88 1.15
CA GLN C 84 20.91 -5.84 0.15
C GLN C 84 20.79 -6.39 -1.26
N LEU C 85 21.44 -7.53 -1.47
CA LEU C 85 21.36 -8.25 -2.73
C LEU C 85 19.95 -8.72 -3.02
N LYS C 86 19.34 -9.41 -2.06
CA LYS C 86 17.95 -9.82 -2.18
C LYS C 86 17.08 -8.63 -2.63
N GLU C 87 17.06 -7.57 -1.85
CA GLU C 87 16.30 -6.38 -2.23
C GLU C 87 16.57 -5.97 -3.67
N THR C 88 17.84 -5.83 -4.05
CA THR C 88 18.17 -5.39 -5.41
C THR C 88 17.57 -6.28 -6.52
N LEU C 89 17.73 -7.59 -6.31
CA LEU C 89 17.21 -8.58 -7.23
C LEU C 89 15.70 -8.50 -7.28
N TYR C 90 15.07 -8.35 -6.13
CA TYR C 90 13.63 -8.26 -6.03
C TYR C 90 13.13 -7.07 -6.82
N GLU C 91 13.84 -5.95 -6.73
CA GLU C 91 13.46 -4.81 -7.53
C GLU C 91 13.51 -5.15 -9.02
N THR C 92 14.62 -5.73 -9.47
CA THR C 92 14.74 -6.15 -10.87
C THR C 92 13.60 -7.08 -11.33
N ILE C 93 13.42 -8.14 -10.57
CA ILE C 93 12.41 -9.15 -10.81
C ILE C 93 11.04 -8.48 -10.92
N ILE C 94 10.67 -7.75 -9.89
CA ILE C 94 9.36 -7.12 -9.84
C ILE C 94 9.17 -6.36 -11.14
N GLY C 95 10.26 -5.80 -11.65
CA GLY C 95 10.20 -5.12 -12.93
C GLY C 95 9.93 -6.03 -14.12
N TYR C 96 10.65 -7.15 -14.19
CA TYR C 96 10.42 -8.16 -15.22
C TYR C 96 8.95 -8.59 -15.24
N PHE C 97 8.44 -8.99 -14.08
CA PHE C 97 7.05 -9.40 -13.95
C PHE C 97 6.12 -8.28 -14.37
N ASP C 98 6.53 -7.03 -14.13
CA ASP C 98 5.75 -5.91 -14.63
C ASP C 98 5.65 -6.02 -16.14
N LYS C 99 6.80 -6.05 -16.83
CA LYS C 99 6.80 -6.18 -18.29
C LYS C 99 6.06 -7.46 -18.78
N GLY C 100 6.07 -8.50 -17.98
CA GLY C 100 5.33 -9.71 -18.30
C GLY C 100 3.86 -9.62 -17.94
N LYS C 101 3.45 -8.51 -17.34
CA LYS C 101 2.06 -8.33 -16.92
C LYS C 101 1.62 -9.40 -15.91
N MET C 102 2.60 -9.89 -15.16
CA MET C 102 2.48 -10.96 -14.16
C MET C 102 2.08 -10.42 -12.77
N TRP C 103 1.40 -9.30 -12.79
CA TRP C 103 1.18 -8.47 -11.63
C TRP C 103 0.85 -9.20 -10.32
N GLU C 104 0.26 -10.39 -10.36
CA GLU C 104 0.01 -11.06 -9.09
C GLU C 104 1.33 -11.47 -8.38
N GLU C 105 2.32 -11.87 -9.17
CA GLU C 105 3.66 -12.16 -8.65
C GLU C 105 4.37 -10.88 -8.17
N ALA C 106 4.33 -9.85 -9.02
CA ALA C 106 4.91 -8.56 -8.66
C ALA C 106 4.37 -8.15 -7.31
N ILE C 107 3.06 -8.18 -7.17
CA ILE C 107 2.44 -7.82 -5.91
C ILE C 107 2.94 -8.72 -4.77
N SER C 108 3.08 -10.02 -5.01
CA SER C 108 3.63 -10.91 -3.96
C SER C 108 5.01 -10.47 -3.41
N LEU C 109 5.92 -10.19 -4.35
CA LEU C 109 7.28 -9.83 -3.97
C LEU C 109 7.25 -8.49 -3.29
N CYS C 110 6.42 -7.59 -3.82
CA CYS C 110 6.20 -6.31 -3.20
C CYS C 110 5.82 -6.52 -1.74
N LYS C 111 4.85 -7.37 -1.50
CA LYS C 111 4.43 -7.63 -0.13
C LYS C 111 5.63 -7.99 0.72
N GLU C 112 6.50 -8.85 0.19
CA GLU C 112 7.72 -9.21 0.95
C GLU C 112 8.64 -8.03 1.32
N LEU C 113 9.06 -7.31 0.29
CA LEU C 113 9.84 -6.10 0.47
C LEU C 113 9.19 -5.15 1.48
N ALA C 114 7.88 -4.96 1.37
CA ALA C 114 7.20 -4.02 2.24
C ALA C 114 7.23 -4.50 3.69
N GLU C 115 7.03 -5.79 3.93
CA GLU C 115 7.15 -6.27 5.31
C GLU C 115 8.56 -6.03 5.82
N GLN C 116 9.54 -6.07 4.93
CA GLN C 116 10.92 -5.75 5.32
C GLN C 116 11.05 -4.31 5.76
N TYR C 117 10.64 -3.40 4.88
CA TYR C 117 10.74 -1.98 5.19
C TYR C 117 9.97 -1.60 6.43
N GLU C 118 8.85 -2.28 6.66
CA GLU C 118 8.00 -1.93 7.80
C GLU C 118 8.43 -2.55 9.11
N MET C 119 8.77 -3.83 9.06
CA MET C 119 9.06 -4.59 10.27
C MET C 119 10.53 -4.72 10.64
N GLU C 120 11.42 -4.42 9.70
CA GLU C 120 12.82 -4.86 9.82
C GLU C 120 13.86 -3.75 9.68
N ILE C 121 13.90 -3.08 8.54
CA ILE C 121 14.84 -1.98 8.36
C ILE C 121 14.22 -0.59 8.59
N PHE C 122 12.91 -0.55 8.81
CA PHE C 122 12.20 0.69 9.11
C PHE C 122 12.43 1.89 8.19
N ASP C 123 12.30 1.66 6.88
CA ASP C 123 12.43 2.72 5.90
C ASP C 123 11.03 3.04 5.37
N TYR C 124 10.45 4.16 5.82
CA TYR C 124 9.05 4.45 5.47
C TYR C 124 8.92 5.16 4.13
N GLU C 125 10.01 5.70 3.61
CA GLU C 125 9.97 6.24 2.27
C GLU C 125 9.91 5.06 1.30
N LEU C 126 10.81 4.11 1.48
CA LEU C 126 10.76 2.94 0.62
C LEU C 126 9.40 2.26 0.78
N LEU C 127 8.90 2.23 2.01
CA LEU C 127 7.61 1.57 2.24
C LEU C 127 6.53 2.30 1.46
N SER C 128 6.40 3.59 1.71
CA SER C 128 5.42 4.44 1.06
C SER C 128 5.41 4.20 -0.47
N GLN C 129 6.58 4.19 -1.09
CA GLN C 129 6.67 3.94 -2.54
C GLN C 129 6.20 2.52 -2.90
N ASN C 130 6.63 1.55 -2.10
CA ASN C 130 6.22 0.17 -2.31
C ASN C 130 4.70 0.09 -2.37
N LEU C 131 4.06 0.76 -1.42
CA LEU C 131 2.61 0.74 -1.28
C LEU C 131 1.94 1.39 -2.46
N ILE C 132 2.48 2.51 -2.91
CA ILE C 132 1.91 3.15 -4.07
C ILE C 132 1.99 2.21 -5.29
N GLN C 133 3.09 1.49 -5.40
CA GLN C 133 3.23 0.61 -6.54
C GLN C 133 2.36 -0.66 -6.47
N GLN C 134 2.10 -1.15 -5.26
CA GLN C 134 1.14 -2.22 -5.11
C GLN C 134 -0.18 -1.68 -5.60
N ALA C 135 -0.52 -0.49 -5.17
CA ALA C 135 -1.78 0.10 -5.57
C ALA C 135 -1.90 0.10 -7.09
N LYS C 136 -0.84 0.54 -7.77
CA LYS C 136 -0.85 0.52 -9.23
C LYS C 136 -1.00 -0.90 -9.80
N PHE C 137 -0.40 -1.89 -9.17
CA PHE C 137 -0.52 -3.23 -9.69
C PHE C 137 -1.94 -3.76 -9.62
N TYR C 138 -2.58 -3.59 -8.46
CA TYR C 138 -3.97 -4.02 -8.30
C TYR C 138 -4.88 -3.29 -9.30
N GLU C 139 -4.64 -1.98 -9.42
CA GLU C 139 -5.37 -1.18 -10.38
C GLU C 139 -5.22 -1.80 -11.73
N SER C 140 -3.99 -2.21 -12.05
CA SER C 140 -3.67 -2.72 -13.37
C SER C 140 -4.42 -4.01 -13.64
N ILE C 141 -4.35 -4.94 -12.69
CA ILE C 141 -5.10 -6.20 -12.79
C ILE C 141 -6.57 -5.89 -13.09
N MET C 142 -7.07 -4.81 -12.50
CA MET C 142 -8.46 -4.45 -12.73
C MET C 142 -8.75 -3.80 -14.11
N LYS C 143 -8.01 -2.77 -14.47
CA LYS C 143 -8.33 -1.96 -15.63
C LYS C 143 -7.55 -2.24 -16.93
N ILE C 144 -6.62 -3.18 -16.90
CA ILE C 144 -5.80 -3.43 -18.10
C ILE C 144 -5.93 -4.83 -18.65
N LEU C 145 -6.19 -4.90 -19.95
CA LEU C 145 -6.31 -6.16 -20.69
C LEU C 145 -5.01 -6.99 -20.73
N ARG C 146 -5.13 -8.24 -20.34
CA ARG C 146 -4.02 -9.16 -20.48
C ARG C 146 -4.42 -10.28 -21.42
N PRO C 147 -3.87 -10.27 -22.65
CA PRO C 147 -4.24 -11.29 -23.64
C PRO C 147 -4.09 -12.70 -23.10
N LYS C 148 -5.11 -13.53 -23.29
CA LYS C 148 -5.05 -14.92 -22.90
C LYS C 148 -4.04 -15.64 -23.81
N PRO C 149 -3.06 -16.31 -23.18
CA PRO C 149 -2.05 -17.09 -23.88
C PRO C 149 -2.60 -18.44 -24.32
N ASP C 150 -2.02 -19.02 -25.36
CA ASP C 150 -2.41 -20.34 -25.84
C ASP C 150 -1.43 -21.39 -25.35
N TYR C 151 -1.91 -22.59 -25.05
CA TYR C 151 -0.96 -23.65 -24.68
C TYR C 151 -0.93 -24.76 -25.74
N PHE C 152 0.29 -25.18 -26.09
CA PHE C 152 0.47 -26.22 -27.10
C PHE C 152 1.13 -27.45 -26.50
N ALA C 153 0.61 -28.62 -26.82
CA ALA C 153 1.26 -29.89 -26.53
C ALA C 153 2.19 -30.31 -27.68
N VAL C 154 3.38 -30.77 -27.31
CA VAL C 154 4.36 -31.27 -28.27
C VAL C 154 4.89 -32.65 -27.87
N GLY C 155 4.58 -33.66 -28.68
CA GLY C 155 5.21 -34.96 -28.57
C GLY C 155 6.47 -35.03 -29.42
N TYR C 156 7.49 -35.65 -28.85
CA TYR C 156 8.77 -35.86 -29.53
C TYR C 156 8.99 -37.35 -29.61
N TYR C 157 8.89 -37.92 -30.80
CA TYR C 157 8.83 -39.37 -30.92
C TYR C 157 9.93 -39.92 -31.80
N GLY C 158 10.38 -41.14 -31.49
CA GLY C 158 11.43 -41.77 -32.26
C GLY C 158 12.74 -41.78 -31.51
N GLN C 159 13.66 -42.64 -31.91
CA GLN C 159 14.89 -42.79 -31.15
C GLN C 159 15.90 -41.72 -31.54
N GLY C 160 15.51 -40.85 -32.47
CA GLY C 160 16.40 -39.80 -32.94
C GLY C 160 16.59 -38.67 -31.95
N PHE C 161 15.71 -38.61 -30.96
CA PHE C 161 15.75 -37.51 -30.01
C PHE C 161 16.71 -37.79 -28.86
N PRO C 162 17.33 -36.72 -28.34
CA PRO C 162 18.08 -36.76 -27.08
C PRO C 162 17.20 -37.37 -25.99
N SER C 163 17.79 -38.09 -25.05
CA SER C 163 17.01 -38.80 -24.05
C SER C 163 16.05 -37.92 -23.26
N PHE C 164 16.43 -36.67 -23.02
CA PHE C 164 15.59 -35.75 -22.25
C PHE C 164 14.30 -35.40 -23.00
N LEU C 165 14.38 -35.41 -24.32
CA LEU C 165 13.21 -35.27 -25.17
C LEU C 165 12.45 -36.56 -25.44
N ARG C 166 13.20 -37.64 -25.61
CA ARG C 166 12.73 -38.82 -26.37
C ARG C 166 11.42 -39.40 -25.88
N ASN C 167 10.47 -39.53 -26.82
CA ASN C 167 9.16 -40.08 -26.55
C ASN C 167 8.46 -39.53 -25.31
N LYS C 168 8.56 -38.21 -25.12
CA LYS C 168 7.91 -37.50 -24.02
C LYS C 168 7.01 -36.42 -24.59
N VAL C 169 6.10 -35.91 -23.78
CA VAL C 169 5.30 -34.77 -24.22
C VAL C 169 5.54 -33.55 -23.33
N PHE C 170 5.50 -32.37 -23.94
CA PHE C 170 5.71 -31.15 -23.19
C PHE C 170 4.57 -30.17 -23.43
N ILE C 171 4.30 -29.32 -22.45
CA ILE C 171 3.36 -28.23 -22.63
C ILE C 171 4.12 -26.91 -22.73
N TYR C 172 3.90 -26.21 -23.84
CA TYR C 172 4.52 -24.93 -24.16
C TYR C 172 3.48 -23.84 -23.95
N ARG C 173 3.86 -22.81 -23.22
CA ARG C 173 3.04 -21.63 -23.05
C ARG C 173 3.34 -20.68 -24.22
N GLY C 174 2.31 -20.39 -25.02
CA GLY C 174 2.47 -19.59 -26.22
C GLY C 174 2.65 -18.13 -25.90
N LYS C 175 3.19 -17.38 -26.86
CA LYS C 175 3.32 -15.95 -26.72
C LYS C 175 1.94 -15.31 -26.91
N GLU C 176 1.87 -14.00 -26.72
CA GLU C 176 0.64 -13.25 -26.88
C GLU C 176 0.25 -13.30 -28.34
N TYR C 177 -0.98 -13.72 -28.62
CA TYR C 177 -1.47 -13.69 -30.00
C TYR C 177 -0.81 -14.74 -30.88
N GLU C 178 0.06 -15.55 -30.29
CA GLU C 178 0.62 -16.71 -30.98
C GLU C 178 -0.43 -17.82 -31.17
N ARG C 179 -0.53 -18.33 -32.40
CA ARG C 179 -1.39 -19.46 -32.68
C ARG C 179 -0.54 -20.61 -33.17
N ARG C 180 -1.07 -21.83 -33.05
CA ARG C 180 -0.31 -23.05 -33.32
C ARG C 180 0.46 -23.02 -34.63
N GLU C 181 -0.10 -22.45 -35.69
CA GLU C 181 0.58 -22.41 -36.98
C GLU C 181 1.92 -21.64 -36.91
N ASP C 182 1.89 -20.45 -36.32
CA ASP C 182 3.09 -19.65 -36.12
C ASP C 182 4.09 -20.39 -35.22
N PHE C 183 3.60 -20.84 -34.08
CA PHE C 183 4.40 -21.55 -33.10
C PHE C 183 5.11 -22.74 -33.70
N GLN C 184 4.32 -23.63 -34.28
CA GLN C 184 4.81 -24.86 -34.88
C GLN C 184 5.82 -24.55 -35.98
N MET C 185 5.49 -23.59 -36.83
CA MET C 185 6.43 -23.16 -37.86
C MET C 185 7.80 -22.94 -37.24
N GLN C 186 7.89 -21.99 -36.30
CA GLN C 186 9.19 -21.70 -35.69
C GLN C 186 9.78 -22.87 -34.93
N LEU C 187 8.93 -23.78 -34.45
CA LEU C 187 9.43 -24.94 -33.72
C LEU C 187 10.18 -25.88 -34.64
N MET C 188 9.59 -26.16 -35.79
CA MET C 188 10.10 -27.18 -36.70
C MET C 188 11.36 -26.75 -37.43
N THR C 189 11.72 -25.49 -37.29
CA THR C 189 12.97 -24.99 -37.84
C THR C 189 14.09 -25.32 -36.87
N GLN C 190 13.70 -25.54 -35.63
CA GLN C 190 14.64 -25.94 -34.58
C GLN C 190 14.94 -27.45 -34.67
N PHE C 191 14.17 -28.15 -35.51
CA PHE C 191 14.31 -29.59 -35.72
C PHE C 191 14.23 -29.93 -37.21
N PRO C 192 15.26 -29.56 -37.96
CA PRO C 192 15.28 -29.69 -39.42
C PRO C 192 15.03 -31.10 -39.88
N ASN C 193 15.53 -32.09 -39.14
CA ASN C 193 15.41 -33.49 -39.58
C ASN C 193 14.10 -34.16 -39.14
N ALA C 194 13.26 -33.38 -38.45
CA ALA C 194 12.03 -33.90 -37.87
C ALA C 194 10.89 -34.01 -38.86
N GLU C 195 10.18 -35.13 -38.83
CA GLU C 195 8.90 -35.26 -39.53
C GLU C 195 7.81 -34.64 -38.66
N LYS C 196 6.74 -34.21 -39.30
CA LYS C 196 5.65 -33.52 -38.62
C LYS C 196 4.39 -34.39 -38.67
N MET C 197 3.97 -34.90 -37.52
CA MET C 197 2.85 -35.87 -37.43
C MET C 197 1.48 -35.24 -37.64
N ASN C 198 0.61 -36.01 -38.28
CA ASN C 198 -0.72 -35.56 -38.64
C ASN C 198 -1.85 -35.96 -37.69
N THR C 199 -1.50 -36.51 -36.54
CA THR C 199 -2.52 -36.87 -35.56
C THR C 199 -2.26 -36.31 -34.19
N THR C 200 -3.34 -36.22 -33.41
CA THR C 200 -3.27 -35.90 -31.98
C THR C 200 -3.35 -37.16 -31.11
N SER C 201 -3.55 -38.31 -31.74
CA SER C 201 -3.67 -39.58 -31.03
C SER C 201 -2.29 -40.00 -30.60
N ALA C 202 -2.19 -40.59 -29.41
CA ALA C 202 -0.91 -41.12 -28.95
C ALA C 202 -0.46 -42.24 -29.89
N PRO C 203 0.79 -42.19 -30.35
CA PRO C 203 1.33 -43.18 -31.30
C PRO C 203 1.75 -44.47 -30.59
N GLY C 204 1.74 -45.57 -31.33
CA GLY C 204 2.13 -46.85 -30.78
C GLY C 204 3.64 -47.04 -30.78
N ASP C 205 4.07 -48.27 -30.51
CA ASP C 205 5.48 -48.54 -30.35
C ASP C 205 6.18 -48.57 -31.70
N ASP C 206 5.39 -48.68 -32.76
CA ASP C 206 5.95 -48.68 -34.11
C ASP C 206 6.59 -47.34 -34.43
N VAL C 207 5.95 -46.26 -33.95
CA VAL C 207 6.50 -44.92 -34.13
C VAL C 207 7.55 -44.57 -33.09
N LYS C 208 7.28 -44.90 -31.83
CA LYS C 208 8.18 -44.55 -30.75
C LYS C 208 9.55 -45.18 -30.94
N ASN C 209 9.57 -46.38 -31.53
CA ASN C 209 10.81 -47.13 -31.66
C ASN C 209 11.56 -46.91 -32.97
N ALA C 210 10.92 -46.19 -33.88
CA ALA C 210 11.57 -45.84 -35.13
C ALA C 210 12.77 -44.93 -34.88
N PRO C 211 13.74 -44.96 -35.80
CA PRO C 211 15.01 -44.22 -35.71
C PRO C 211 14.92 -42.71 -35.90
N GLY C 212 13.84 -42.21 -36.52
CA GLY C 212 13.78 -40.79 -36.88
C GLY C 212 13.36 -39.81 -35.80
N GLN C 213 12.93 -38.62 -36.23
CA GLN C 213 12.32 -37.64 -35.33
C GLN C 213 10.91 -37.25 -35.81
N TYR C 214 9.90 -37.68 -35.06
CA TYR C 214 8.49 -37.44 -35.41
C TYR C 214 7.84 -36.54 -34.37
N ILE C 215 7.50 -35.32 -34.77
CA ILE C 215 6.92 -34.34 -33.85
C ILE C 215 5.41 -34.13 -34.02
N GLN C 216 4.67 -34.26 -32.94
CA GLN C 216 3.23 -34.07 -32.98
C GLN C 216 2.84 -32.88 -32.12
N CYS C 217 2.04 -31.96 -32.66
CA CYS C 217 1.74 -30.72 -31.92
C CYS C 217 0.29 -30.25 -32.06
N PHE C 218 -0.35 -29.94 -30.94
CA PHE C 218 -1.73 -29.48 -30.99
C PHE C 218 -2.06 -28.57 -29.81
N THR C 219 -3.03 -27.67 -29.94
CA THR C 219 -3.35 -26.76 -28.86
C THR C 219 -4.12 -27.46 -27.74
N VAL C 220 -3.78 -27.16 -26.50
CA VAL C 220 -4.51 -27.69 -25.34
C VAL C 220 -5.15 -26.59 -24.50
N GLN C 221 -6.14 -26.99 -23.70
CA GLN C 221 -6.87 -26.08 -22.83
C GLN C 221 -6.37 -26.10 -21.39
N PRO C 222 -6.01 -24.93 -20.84
CA PRO C 222 -5.56 -24.92 -19.45
C PRO C 222 -6.72 -25.11 -18.49
N VAL C 223 -6.47 -25.79 -17.38
CA VAL C 223 -7.52 -26.05 -16.39
C VAL C 223 -7.24 -25.25 -15.14
N LEU C 224 -8.26 -24.57 -14.60
CA LEU C 224 -8.02 -23.69 -13.46
C LEU C 224 -7.52 -24.49 -12.29
N ASP C 225 -6.35 -24.12 -11.79
CA ASP C 225 -5.79 -24.81 -10.63
C ASP C 225 -6.65 -24.49 -9.42
N GLU C 226 -6.75 -25.43 -8.48
CA GLU C 226 -7.52 -25.19 -7.26
C GLU C 226 -6.73 -24.24 -6.35
N HIS C 227 -7.35 -23.11 -6.03
CA HIS C 227 -6.69 -22.13 -5.17
C HIS C 227 -7.40 -22.00 -3.84
N PRO C 228 -6.68 -22.28 -2.77
CA PRO C 228 -7.16 -22.23 -1.39
C PRO C 228 -7.81 -20.89 -1.06
N ARG C 229 -7.20 -19.79 -1.49
CA ARG C 229 -7.64 -18.46 -1.06
C ARG C 229 -8.92 -17.96 -1.73
N PHE C 230 -9.31 -18.61 -2.82
CA PHE C 230 -10.58 -18.32 -3.50
C PHE C 230 -11.73 -19.24 -3.09
N LYS C 231 -11.47 -20.22 -2.23
CA LYS C 231 -12.38 -21.35 -2.06
C LYS C 231 -13.86 -21.02 -1.94
N ASN C 232 -14.28 -20.45 -0.81
CA ASN C 232 -15.69 -20.15 -0.68
C ASN C 232 -15.99 -18.71 -1.03
N LYS C 233 -14.94 -17.98 -1.39
CA LYS C 233 -15.05 -16.55 -1.54
C LYS C 233 -15.71 -16.10 -2.86
N PRO C 234 -16.31 -14.89 -2.85
CA PRO C 234 -16.97 -14.28 -4.01
C PRO C 234 -15.98 -13.54 -4.90
N VAL C 235 -15.10 -14.27 -5.57
CA VAL C 235 -14.11 -13.62 -6.42
C VAL C 235 -14.69 -13.25 -7.77
N PRO C 236 -14.38 -12.02 -8.22
CA PRO C 236 -14.78 -11.38 -9.47
C PRO C 236 -14.17 -12.00 -10.72
N ASP C 237 -14.97 -12.18 -11.76
CA ASP C 237 -14.49 -12.80 -13.00
C ASP C 237 -13.17 -12.16 -13.38
N GLN C 238 -13.14 -10.84 -13.27
CA GLN C 238 -11.95 -10.08 -13.61
C GLN C 238 -10.67 -10.61 -12.91
N ILE C 239 -10.81 -11.05 -11.67
CA ILE C 239 -9.67 -11.59 -10.94
C ILE C 239 -9.35 -13.07 -11.25
N ILE C 240 -10.37 -13.92 -11.22
CA ILE C 240 -10.18 -15.36 -11.27
C ILE C 240 -9.98 -15.91 -12.71
N ASN C 241 -10.62 -15.26 -13.68
CA ASN C 241 -10.44 -15.56 -15.11
C ASN C 241 -8.97 -15.69 -15.45
N PHE C 242 -8.15 -14.81 -14.87
CA PHE C 242 -6.73 -14.82 -15.19
C PHE C 242 -6.08 -16.12 -14.71
N TYR C 243 -6.49 -16.60 -13.54
CA TYR C 243 -6.03 -17.89 -13.07
C TYR C 243 -6.51 -19.04 -13.95
N LYS C 244 -7.59 -18.82 -14.68
CA LYS C 244 -8.06 -19.85 -15.63
C LYS C 244 -7.04 -20.13 -16.73
N SER C 245 -6.37 -19.08 -17.20
CA SER C 245 -5.31 -19.20 -18.21
C SER C 245 -3.85 -19.11 -17.75
N ASN C 246 -3.59 -18.94 -16.45
CA ASN C 246 -2.21 -18.67 -16.00
C ASN C 246 -1.89 -19.31 -14.65
N TYR C 247 -0.61 -19.61 -14.46
CA TYR C 247 -0.16 -20.34 -13.27
C TYR C 247 -0.90 -21.66 -13.18
N VAL C 248 -0.67 -22.54 -14.17
CA VAL C 248 -1.47 -23.75 -14.35
C VAL C 248 -0.62 -25.01 -14.59
N GLN C 249 -1.01 -26.13 -13.97
CA GLN C 249 -0.35 -27.40 -14.22
C GLN C 249 -1.12 -28.41 -15.06
N ARG C 250 -2.38 -28.12 -15.36
CA ARG C 250 -3.25 -29.15 -15.91
C ARG C 250 -3.92 -28.71 -17.20
N PHE C 251 -3.92 -29.61 -18.19
CA PHE C 251 -4.46 -29.27 -19.50
C PHE C 251 -5.34 -30.37 -20.07
N HIS C 252 -6.38 -29.99 -20.81
CA HIS C 252 -7.26 -30.95 -21.48
C HIS C 252 -7.07 -30.85 -22.98
N TYR C 253 -7.20 -31.98 -23.68
CA TYR C 253 -7.44 -31.98 -25.12
C TYR C 253 -8.72 -32.74 -25.40
N SER C 254 -9.61 -32.17 -26.20
CA SER C 254 -10.83 -32.88 -26.62
C SER C 254 -10.91 -33.16 -28.14
N ARG C 255 -10.95 -34.44 -28.49
CA ARG C 255 -11.06 -34.87 -29.88
C ARG C 255 -12.45 -35.46 -30.06
N PRO C 256 -13.25 -34.91 -30.98
CA PRO C 256 -14.55 -35.55 -31.17
C PRO C 256 -14.37 -36.89 -31.87
N VAL C 257 -15.04 -37.92 -31.37
CA VAL C 257 -15.08 -39.21 -32.06
C VAL C 257 -16.55 -39.61 -32.19
N ARG C 258 -16.92 -40.08 -33.37
CA ARG C 258 -18.27 -40.57 -33.58
C ARG C 258 -18.31 -42.06 -33.25
N ARG C 259 -19.39 -42.48 -32.61
CA ARG C 259 -19.61 -43.89 -32.36
C ARG C 259 -21.03 -44.19 -32.79
N GLY C 260 -21.22 -45.34 -33.44
CA GLY C 260 -22.54 -45.78 -33.86
C GLY C 260 -23.10 -45.06 -35.07
N THR C 261 -24.43 -44.92 -35.09
CA THR C 261 -25.13 -44.29 -36.20
C THR C 261 -24.97 -42.78 -36.22
N VAL C 262 -24.79 -42.21 -37.41
CA VAL C 262 -24.76 -40.77 -37.57
C VAL C 262 -26.08 -40.24 -38.14
N ASP C 263 -26.77 -39.42 -37.36
CA ASP C 263 -28.01 -38.80 -37.82
C ASP C 263 -27.70 -37.49 -38.54
N PRO C 264 -27.90 -37.46 -39.86
CA PRO C 264 -27.56 -36.27 -40.65
C PRO C 264 -28.21 -35.03 -40.07
N GLU C 265 -29.46 -35.15 -39.64
CA GLU C 265 -30.15 -34.03 -39.03
C GLU C 265 -29.51 -33.64 -37.69
N ASN C 266 -29.37 -34.61 -36.81
CA ASN C 266 -28.75 -34.31 -35.53
C ASN C 266 -27.37 -34.96 -35.43
N GLU C 267 -26.34 -34.15 -35.61
CA GLU C 267 -24.99 -34.66 -35.53
C GLU C 267 -24.57 -34.71 -34.08
N PHE C 268 -25.34 -34.04 -33.23
CA PHE C 268 -25.00 -33.94 -31.83
C PHE C 268 -25.43 -35.17 -31.08
N ALA C 269 -26.32 -35.95 -31.69
CA ALA C 269 -26.82 -37.12 -31.01
C ALA C 269 -25.75 -38.18 -31.01
N SER C 270 -24.92 -38.17 -32.06
CA SER C 270 -23.85 -39.16 -32.23
C SER C 270 -22.43 -38.73 -31.82
N MET C 271 -22.26 -37.54 -31.27
CA MET C 271 -20.88 -37.09 -31.08
C MET C 271 -20.32 -37.29 -29.67
N TRP C 272 -19.43 -38.27 -29.55
CA TRP C 272 -18.63 -38.52 -28.35
C TRP C 272 -17.37 -37.66 -28.31
N ILE C 273 -16.84 -37.44 -27.12
CA ILE C 273 -15.59 -36.68 -26.98
C ILE C 273 -14.54 -37.50 -26.27
N GLU C 274 -13.32 -37.47 -26.80
CA GLU C 274 -12.18 -38.16 -26.22
C GLU C 274 -11.34 -37.11 -25.54
N ARG C 275 -11.30 -37.14 -24.21
CA ARG C 275 -10.60 -36.09 -23.47
C ARG C 275 -9.39 -36.57 -22.71
N THR C 276 -8.23 -36.08 -23.13
CA THR C 276 -6.96 -36.38 -22.50
C THR C 276 -6.60 -35.31 -21.49
N SER C 277 -6.10 -35.74 -20.33
CA SER C 277 -5.60 -34.82 -19.32
C SER C 277 -4.10 -34.92 -19.23
N PHE C 278 -3.43 -33.78 -19.35
CA PHE C 278 -1.99 -33.70 -19.15
C PHE C 278 -1.71 -32.95 -17.86
N VAL C 279 -0.70 -33.40 -17.11
CA VAL C 279 -0.21 -32.65 -15.94
C VAL C 279 1.30 -32.42 -16.03
N THR C 280 1.69 -31.15 -16.01
CA THR C 280 3.10 -30.79 -16.11
C THR C 280 3.87 -30.87 -14.79
N ALA C 281 5.19 -31.03 -14.89
CA ALA C 281 6.02 -31.02 -13.70
C ALA C 281 5.75 -29.76 -12.88
N TYR C 282 5.96 -28.60 -13.50
CA TYR C 282 5.77 -27.33 -12.82
C TYR C 282 4.74 -26.49 -13.56
N LYS C 283 4.18 -25.52 -12.85
CA LYS C 283 3.19 -24.62 -13.42
C LYS C 283 3.80 -23.81 -14.57
N LEU C 284 2.95 -23.27 -15.43
CA LEU C 284 3.40 -22.25 -16.36
C LEU C 284 2.65 -20.99 -15.99
N PRO C 285 3.31 -19.83 -16.06
CA PRO C 285 4.69 -19.61 -16.50
C PRO C 285 5.68 -20.06 -15.43
N GLY C 286 6.94 -20.20 -15.82
CA GLY C 286 7.95 -20.75 -14.95
C GLY C 286 9.29 -20.41 -15.55
N ILE C 287 10.33 -21.13 -15.12
CA ILE C 287 11.71 -20.97 -15.61
C ILE C 287 11.83 -21.06 -17.14
N LEU C 288 10.97 -21.83 -17.79
CA LEU C 288 11.02 -21.95 -19.24
C LEU C 288 9.64 -21.78 -19.80
N ARG C 289 9.55 -21.63 -21.12
CA ARG C 289 8.25 -21.58 -21.77
C ARG C 289 7.61 -22.96 -21.87
N TRP C 290 8.30 -24.02 -21.44
CA TRP C 290 7.78 -25.38 -21.60
C TRP C 290 8.17 -26.34 -20.47
N PHE C 291 7.21 -27.16 -20.05
CA PHE C 291 7.51 -28.20 -19.04
C PHE C 291 7.00 -29.57 -19.45
N GLU C 292 7.67 -30.62 -18.94
CA GLU C 292 7.37 -32.00 -19.32
C GLU C 292 6.02 -32.44 -18.78
N VAL C 293 5.39 -33.39 -19.47
CA VAL C 293 4.14 -33.95 -18.99
C VAL C 293 4.48 -35.19 -18.20
N VAL C 294 3.95 -35.30 -16.97
CA VAL C 294 4.27 -36.44 -16.12
C VAL C 294 3.09 -37.40 -15.97
N HIS C 295 2.00 -36.94 -15.37
CA HIS C 295 0.78 -37.75 -15.41
C HIS C 295 -0.01 -37.38 -16.66
N MET C 296 -0.62 -38.38 -17.26
CA MET C 296 -1.55 -38.18 -18.36
C MET C 296 -2.65 -39.25 -18.27
N SER C 297 -3.91 -38.84 -18.38
CA SER C 297 -5.01 -39.79 -18.31
C SER C 297 -5.99 -39.59 -19.45
N GLN C 298 -6.99 -40.46 -19.54
CA GLN C 298 -7.97 -40.37 -20.62
C GLN C 298 -9.40 -40.66 -20.15
N THR C 299 -10.36 -39.93 -20.71
CA THR C 299 -11.76 -40.08 -20.33
C THR C 299 -12.62 -39.98 -21.57
N THR C 300 -13.75 -40.68 -21.59
CA THR C 300 -14.65 -40.56 -22.74
C THR C 300 -16.00 -39.98 -22.33
N ILE C 301 -16.39 -38.94 -23.09
CA ILE C 301 -17.54 -38.12 -22.82
C ILE C 301 -18.68 -38.47 -23.78
N SER C 302 -19.84 -38.81 -23.23
CA SER C 302 -21.01 -39.13 -24.05
C SER C 302 -21.65 -37.87 -24.61
N PRO C 303 -22.37 -38.01 -25.74
CA PRO C 303 -23.06 -36.88 -26.34
C PRO C 303 -23.86 -36.08 -25.31
N LEU C 304 -24.58 -36.77 -24.44
CA LEU C 304 -25.38 -36.08 -23.44
C LEU C 304 -24.48 -35.21 -22.55
N GLU C 305 -23.46 -35.85 -22.00
CA GLU C 305 -22.49 -35.17 -21.14
C GLU C 305 -21.93 -33.93 -21.82
N ASN C 306 -21.64 -34.08 -23.11
CA ASN C 306 -21.07 -33.01 -23.89
C ASN C 306 -22.04 -31.87 -23.98
N ALA C 307 -23.30 -32.23 -24.27
CA ALA C 307 -24.38 -31.26 -24.35
C ALA C 307 -24.44 -30.47 -23.05
N ILE C 308 -24.39 -31.18 -21.94
CA ILE C 308 -24.33 -30.56 -20.62
C ILE C 308 -23.20 -29.52 -20.55
N GLU C 309 -21.98 -29.94 -20.88
CA GLU C 309 -20.83 -29.02 -20.84
C GLU C 309 -21.04 -27.79 -21.71
N THR C 310 -21.57 -28.00 -22.91
CA THR C 310 -21.82 -26.93 -23.87
C THR C 310 -22.80 -25.91 -23.32
N MET C 311 -23.95 -26.42 -22.86
CA MET C 311 -24.98 -25.59 -22.25
C MET C 311 -24.36 -24.78 -21.15
N SER C 312 -23.58 -25.46 -20.31
CA SER C 312 -23.00 -24.87 -19.13
C SER C 312 -22.10 -23.72 -19.50
N THR C 313 -21.32 -23.95 -20.55
CA THR C 313 -20.40 -22.95 -21.07
C THR C 313 -21.11 -21.72 -21.64
N ALA C 314 -22.19 -21.95 -22.39
CA ALA C 314 -22.94 -20.84 -22.97
C ALA C 314 -23.54 -20.00 -21.86
N ASN C 315 -24.21 -20.66 -20.92
CA ASN C 315 -24.75 -19.96 -19.77
C ASN C 315 -23.69 -19.11 -19.09
N GLU C 316 -22.54 -19.72 -18.88
CA GLU C 316 -21.45 -19.05 -18.21
C GLU C 316 -20.91 -17.83 -19.01
N LYS C 317 -20.86 -17.94 -20.34
CA LYS C 317 -20.47 -16.81 -21.20
C LYS C 317 -21.44 -15.65 -21.07
N ILE C 318 -22.72 -15.95 -21.25
CA ILE C 318 -23.75 -14.94 -21.10
C ILE C 318 -23.55 -14.24 -19.76
N LEU C 319 -23.43 -15.02 -18.70
CA LEU C 319 -23.25 -14.45 -17.36
C LEU C 319 -22.07 -13.49 -17.26
N MET C 320 -20.89 -13.99 -17.65
CA MET C 320 -19.69 -13.15 -17.66
C MET C 320 -19.88 -11.85 -18.43
N MET C 321 -20.43 -11.93 -19.63
CA MET C 321 -20.72 -10.72 -20.42
C MET C 321 -21.63 -9.76 -19.67
N ILE C 322 -22.66 -10.29 -19.03
CA ILE C 322 -23.58 -9.46 -18.28
C ILE C 322 -22.82 -8.70 -17.22
N ASN C 323 -21.98 -9.42 -16.47
CA ASN C 323 -21.16 -8.78 -15.43
C ASN C 323 -20.29 -7.67 -16.01
N GLN C 324 -19.59 -8.03 -17.08
CA GLN C 324 -18.71 -7.14 -17.81
C GLN C 324 -19.39 -5.86 -18.27
N TYR C 325 -20.56 -5.99 -18.88
CA TYR C 325 -21.29 -4.84 -19.39
C TYR C 325 -21.92 -3.98 -18.31
N GLN C 326 -22.55 -4.61 -17.31
CA GLN C 326 -23.06 -3.85 -16.18
C GLN C 326 -21.94 -3.00 -15.61
N SER C 327 -20.77 -3.62 -15.44
CA SER C 327 -19.61 -2.96 -14.83
C SER C 327 -18.97 -1.82 -15.64
N ASP C 328 -18.91 -1.95 -16.97
CA ASP C 328 -18.39 -0.86 -17.80
C ASP C 328 -19.35 -0.49 -18.94
N GLU C 329 -19.93 0.71 -18.84
CA GLU C 329 -20.94 1.14 -19.81
C GLU C 329 -20.38 1.74 -21.10
N THR C 330 -19.07 1.90 -21.18
CA THR C 330 -18.46 2.51 -22.35
C THR C 330 -18.31 1.46 -23.46
N LEU C 331 -18.42 0.20 -23.08
CA LEU C 331 -18.22 -0.93 -24.00
C LEU C 331 -19.12 -0.91 -25.21
N PRO C 332 -18.54 -1.25 -26.36
CA PRO C 332 -19.19 -1.47 -27.66
C PRO C 332 -20.17 -2.62 -27.55
N ILE C 333 -21.36 -2.54 -28.16
CA ILE C 333 -22.31 -3.65 -28.03
C ILE C 333 -22.09 -4.81 -28.98
N ASN C 334 -21.35 -4.59 -30.06
CA ASN C 334 -21.29 -5.62 -31.08
C ASN C 334 -21.06 -7.04 -30.56
N PRO C 335 -20.15 -7.21 -29.59
CA PRO C 335 -19.91 -8.51 -28.96
C PRO C 335 -21.12 -9.07 -28.24
N LEU C 336 -21.84 -8.20 -27.55
CA LEU C 336 -23.09 -8.56 -26.91
C LEU C 336 -24.16 -8.94 -27.94
N SER C 337 -24.32 -8.11 -28.96
CA SER C 337 -25.29 -8.40 -30.01
C SER C 337 -25.01 -9.77 -30.57
N MET C 338 -23.75 -10.02 -30.92
CA MET C 338 -23.35 -11.24 -31.58
C MET C 338 -23.57 -12.46 -30.69
N LEU C 339 -23.11 -12.38 -29.45
CA LEU C 339 -23.25 -13.53 -28.54
C LEU C 339 -24.71 -13.85 -28.26
N LEU C 340 -25.46 -12.82 -27.86
CA LEU C 340 -26.87 -13.00 -27.50
C LEU C 340 -27.65 -13.49 -28.69
N ASN C 341 -27.60 -12.76 -29.79
CA ASN C 341 -28.39 -13.17 -30.93
C ASN C 341 -28.02 -14.57 -31.40
N GLY C 342 -26.73 -14.90 -31.27
CA GLY C 342 -26.26 -16.23 -31.62
C GLY C 342 -26.91 -17.34 -30.79
N ILE C 343 -27.05 -17.11 -29.49
CA ILE C 343 -27.69 -18.09 -28.64
C ILE C 343 -29.22 -18.09 -28.66
N VAL C 344 -29.82 -16.94 -28.92
CA VAL C 344 -31.28 -16.81 -28.92
C VAL C 344 -31.88 -17.29 -30.23
N ASP C 345 -31.22 -16.97 -31.34
CA ASP C 345 -31.73 -17.31 -32.66
C ASP C 345 -30.65 -18.08 -33.42
N PRO C 346 -30.39 -19.32 -33.00
CA PRO C 346 -29.34 -20.03 -33.73
C PRO C 346 -29.86 -20.69 -35.01
N ALA C 347 -30.24 -19.87 -35.99
CA ALA C 347 -30.83 -20.37 -37.24
C ALA C 347 -29.93 -21.33 -38.00
N VAL C 348 -28.62 -21.15 -37.85
CA VAL C 348 -27.64 -21.99 -38.52
C VAL C 348 -27.39 -23.30 -37.78
N MET C 349 -26.80 -23.24 -36.59
CA MET C 349 -26.44 -24.47 -35.87
C MET C 349 -27.57 -25.21 -35.15
N GLY C 350 -28.69 -24.52 -34.91
CA GLY C 350 -29.88 -25.20 -34.45
C GLY C 350 -30.32 -25.03 -33.02
N GLY C 351 -29.42 -24.62 -32.14
CA GLY C 351 -29.75 -24.40 -30.73
C GLY C 351 -30.03 -25.68 -29.96
N PHE C 352 -30.37 -25.54 -28.67
CA PHE C 352 -30.56 -26.71 -27.82
C PHE C 352 -31.75 -27.57 -28.26
N ALA C 353 -32.51 -27.08 -29.24
CA ALA C 353 -33.57 -27.91 -29.79
C ALA C 353 -33.00 -29.26 -30.21
N LYS C 354 -31.74 -29.27 -30.65
CA LYS C 354 -31.11 -30.50 -31.10
C LYS C 354 -30.91 -31.45 -29.93
N TYR C 355 -30.48 -30.89 -28.81
CA TYR C 355 -30.36 -31.64 -27.57
C TYR C 355 -31.69 -32.28 -27.18
N GLU C 356 -32.76 -31.50 -27.21
CA GLU C 356 -34.10 -32.00 -26.96
C GLU C 356 -34.46 -33.18 -27.90
N LYS C 357 -34.23 -32.99 -29.19
CA LYS C 357 -34.59 -34.01 -30.16
C LYS C 357 -33.75 -35.26 -29.98
N ALA C 358 -32.60 -35.11 -29.34
CA ALA C 358 -31.69 -36.24 -29.14
C ALA C 358 -31.98 -37.03 -27.88
N PHE C 359 -31.89 -36.36 -26.75
CA PHE C 359 -31.92 -37.06 -25.48
C PHE C 359 -33.27 -37.14 -24.78
N PHE C 360 -34.25 -36.36 -25.23
CA PHE C 360 -35.54 -36.31 -24.54
C PHE C 360 -36.65 -37.18 -25.14
N THR C 361 -36.32 -37.96 -26.17
CA THR C 361 -37.22 -39.00 -26.67
C THR C 361 -37.41 -40.11 -25.63
N GLU C 362 -38.62 -40.67 -25.56
CA GLU C 362 -38.91 -41.68 -24.56
C GLU C 362 -38.04 -42.90 -24.81
N GLU C 363 -37.62 -43.04 -26.06
CA GLU C 363 -36.70 -44.11 -26.41
C GLU C 363 -35.34 -43.93 -25.74
N TYR C 364 -34.76 -42.74 -25.86
CA TYR C 364 -33.47 -42.51 -25.24
C TYR C 364 -33.53 -42.83 -23.74
N VAL C 365 -34.61 -42.43 -23.09
CA VAL C 365 -34.73 -42.63 -21.65
C VAL C 365 -34.91 -44.11 -21.29
N ARG C 366 -35.72 -44.83 -22.06
CA ARG C 366 -35.86 -46.27 -21.86
C ARG C 366 -34.52 -46.99 -22.09
N ASP C 367 -33.71 -46.44 -23.00
CA ASP C 367 -32.40 -47.01 -23.29
C ASP C 367 -31.36 -46.63 -22.23
N HIS C 368 -31.46 -45.43 -21.69
CA HIS C 368 -30.46 -44.95 -20.76
C HIS C 368 -31.08 -44.55 -19.43
N PRO C 369 -31.46 -45.54 -18.61
CA PRO C 369 -32.04 -45.24 -17.30
C PRO C 369 -31.04 -44.48 -16.41
N GLU C 370 -29.80 -44.97 -16.37
CA GLU C 370 -28.75 -44.41 -15.54
C GLU C 370 -28.57 -42.90 -15.74
N ASP C 371 -28.88 -42.43 -16.95
CA ASP C 371 -28.62 -41.04 -17.33
C ASP C 371 -29.69 -40.08 -16.85
N GLN C 372 -30.73 -40.61 -16.21
CA GLN C 372 -31.86 -39.76 -15.84
C GLN C 372 -31.45 -38.47 -15.15
N ASP C 373 -30.60 -38.59 -14.12
CA ASP C 373 -30.13 -37.41 -13.42
C ASP C 373 -29.61 -36.33 -14.36
N LYS C 374 -28.66 -36.73 -15.20
CA LYS C 374 -28.09 -35.81 -16.17
C LYS C 374 -29.20 -35.15 -17.00
N LEU C 375 -30.15 -35.96 -17.46
CA LEU C 375 -31.25 -35.43 -18.24
C LEU C 375 -31.89 -34.23 -17.54
N THR C 376 -32.17 -34.37 -16.25
CA THR C 376 -32.80 -33.27 -15.55
C THR C 376 -31.86 -32.07 -15.48
N HIS C 377 -30.61 -32.37 -15.20
CA HIS C 377 -29.54 -31.39 -15.25
C HIS C 377 -29.65 -30.61 -16.55
N LEU C 378 -29.73 -31.32 -17.69
CA LEU C 378 -29.81 -30.63 -18.98
C LEU C 378 -31.03 -29.72 -18.98
N LYS C 379 -32.18 -30.28 -18.62
CA LYS C 379 -33.40 -29.50 -18.57
C LYS C 379 -33.14 -28.27 -17.71
N ASP C 380 -32.55 -28.49 -16.54
CA ASP C 380 -32.23 -27.38 -15.62
C ASP C 380 -31.41 -26.30 -16.33
N LEU C 381 -30.31 -26.72 -16.96
CA LEU C 381 -29.46 -25.79 -17.68
C LEU C 381 -30.33 -25.00 -18.65
N ILE C 382 -31.12 -25.71 -19.45
CA ILE C 382 -32.00 -25.02 -20.41
C ILE C 382 -32.87 -23.98 -19.71
N ALA C 383 -33.57 -24.37 -18.65
CA ALA C 383 -34.42 -23.42 -17.95
C ALA C 383 -33.61 -22.19 -17.57
N TRP C 384 -32.44 -22.43 -16.98
CA TRP C 384 -31.61 -21.35 -16.49
C TRP C 384 -31.09 -20.41 -17.59
N GLN C 385 -30.96 -20.93 -18.80
CA GLN C 385 -30.46 -20.08 -19.86
C GLN C 385 -31.42 -18.92 -20.12
N ILE C 386 -32.70 -19.13 -19.83
CA ILE C 386 -33.71 -18.10 -20.11
C ILE C 386 -33.50 -16.77 -19.34
N PRO C 387 -33.43 -16.84 -18.00
CA PRO C 387 -33.20 -15.60 -17.25
C PRO C 387 -31.87 -14.91 -17.58
N PHE C 388 -30.84 -15.68 -17.91
CA PHE C 388 -29.56 -15.14 -18.36
C PHE C 388 -29.71 -14.29 -19.63
N LEU C 389 -30.09 -14.94 -20.73
CA LEU C 389 -30.32 -14.22 -21.99
C LEU C 389 -31.17 -12.99 -21.76
N GLY C 390 -32.18 -13.13 -20.91
CA GLY C 390 -33.11 -12.05 -20.63
C GLY C 390 -32.42 -10.83 -20.06
N ALA C 391 -31.54 -11.04 -19.08
CA ALA C 391 -30.79 -9.95 -18.49
C ALA C 391 -29.79 -9.34 -19.48
N GLY C 392 -29.21 -10.17 -20.34
CA GLY C 392 -28.36 -9.67 -21.39
C GLY C 392 -29.14 -8.75 -22.31
N ILE C 393 -30.33 -9.19 -22.67
CA ILE C 393 -31.19 -8.41 -23.55
C ILE C 393 -31.62 -7.06 -22.97
N LYS C 394 -32.02 -7.03 -21.70
CA LYS C 394 -32.29 -5.74 -21.04
C LYS C 394 -31.11 -4.82 -21.31
N ILE C 395 -29.93 -5.21 -20.87
CA ILE C 395 -28.73 -4.41 -21.13
C ILE C 395 -28.65 -3.99 -22.59
N HIS C 396 -28.80 -4.95 -23.50
CA HIS C 396 -28.73 -4.67 -24.92
C HIS C 396 -29.72 -3.56 -25.28
N GLU C 397 -30.94 -3.67 -24.76
CA GLU C 397 -31.99 -2.72 -25.05
C GLU C 397 -31.57 -1.29 -24.70
N LYS C 398 -30.92 -1.09 -23.55
CA LYS C 398 -30.45 0.24 -23.16
C LYS C 398 -29.38 0.79 -24.10
N ARG C 399 -28.44 -0.08 -24.49
CA ARG C 399 -27.31 0.37 -25.29
C ARG C 399 -27.46 0.45 -26.81
N VAL C 400 -28.25 -0.43 -27.40
CA VAL C 400 -28.23 -0.60 -28.85
C VAL C 400 -28.44 0.72 -29.59
N SER C 401 -27.66 0.90 -30.65
CA SER C 401 -27.73 2.07 -31.53
C SER C 401 -28.99 2.07 -32.39
N ASP C 402 -29.34 3.22 -32.96
CA ASP C 402 -30.58 3.31 -33.72
C ASP C 402 -30.57 2.49 -35.01
N ASN C 403 -29.38 2.13 -35.51
CA ASN C 403 -29.26 1.31 -36.72
C ASN C 403 -29.54 -0.15 -36.43
N LEU C 404 -29.12 -0.59 -35.26
CA LEU C 404 -29.33 -1.96 -34.85
C LEU C 404 -30.63 -2.11 -34.04
N ARG C 405 -31.41 -1.05 -33.96
CA ARG C 405 -32.63 -1.16 -33.20
C ARG C 405 -33.54 -2.27 -33.71
N PRO C 406 -33.86 -2.29 -35.03
CA PRO C 406 -34.74 -3.31 -35.60
C PRO C 406 -34.21 -4.70 -35.31
N PHE C 407 -32.91 -4.86 -35.50
CA PHE C 407 -32.21 -6.07 -35.13
C PHE C 407 -32.56 -6.43 -33.70
N HIS C 408 -32.35 -5.48 -32.79
CA HIS C 408 -32.70 -5.73 -31.40
C HIS C 408 -34.15 -6.16 -31.21
N ASP C 409 -35.11 -5.46 -31.83
CA ASP C 409 -36.52 -5.81 -31.69
C ASP C 409 -36.76 -7.25 -32.08
N ARG C 410 -36.17 -7.65 -33.21
CA ARG C 410 -36.25 -9.04 -33.63
C ARG C 410 -35.68 -10.01 -32.58
N MET C 411 -34.50 -9.72 -32.06
CA MET C 411 -33.88 -10.53 -31.03
C MET C 411 -34.85 -10.66 -29.85
N GLU C 412 -35.47 -9.54 -29.53
CA GLU C 412 -36.41 -9.43 -28.45
C GLU C 412 -37.55 -10.40 -28.68
N GLU C 413 -38.14 -10.39 -29.90
CA GLU C 413 -39.26 -11.29 -30.26
C GLU C 413 -38.87 -12.74 -30.09
N CYS C 414 -37.78 -13.16 -30.72
CA CYS C 414 -37.32 -14.53 -30.61
C CYS C 414 -37.15 -14.93 -29.16
N PHE C 415 -36.62 -14.01 -28.35
CA PHE C 415 -36.47 -14.32 -26.93
C PHE C 415 -37.80 -14.49 -26.25
N LYS C 416 -38.73 -13.60 -26.49
CA LYS C 416 -39.98 -13.69 -25.77
C LYS C 416 -40.65 -14.99 -26.12
N ASN C 417 -40.62 -15.34 -27.39
CA ASN C 417 -41.20 -16.59 -27.85
C ASN C 417 -40.51 -17.78 -27.21
N LEU C 418 -39.19 -17.76 -27.23
CA LEU C 418 -38.42 -18.86 -26.66
C LEU C 418 -38.67 -18.99 -25.17
N LYS C 419 -38.77 -17.86 -24.48
CA LYS C 419 -39.08 -17.77 -23.05
C LYS C 419 -40.41 -18.46 -22.82
N MET C 420 -41.38 -18.12 -23.63
CA MET C 420 -42.70 -18.72 -23.56
C MET C 420 -42.55 -20.24 -23.59
N LYS C 421 -41.90 -20.77 -24.65
CA LYS C 421 -41.76 -22.22 -24.82
C LYS C 421 -41.00 -22.92 -23.70
N VAL C 422 -39.90 -22.30 -23.27
CA VAL C 422 -39.03 -22.93 -22.28
C VAL C 422 -39.70 -22.95 -20.94
N GLU C 423 -40.30 -21.83 -20.56
CA GLU C 423 -41.00 -21.81 -19.30
C GLU C 423 -42.10 -22.86 -19.34
N LYS C 424 -42.89 -22.86 -20.42
CA LYS C 424 -43.93 -23.87 -20.59
C LYS C 424 -43.42 -25.30 -20.37
N GLU C 425 -42.26 -25.63 -20.93
CA GLU C 425 -41.75 -27.00 -20.86
C GLU C 425 -40.96 -27.41 -19.62
N TYR C 426 -39.94 -26.62 -19.28
CA TYR C 426 -39.04 -26.88 -18.16
C TYR C 426 -39.25 -26.03 -16.90
N GLY C 427 -40.15 -25.07 -16.98
CA GLY C 427 -40.46 -24.25 -15.82
C GLY C 427 -39.76 -22.92 -15.80
N VAL C 428 -39.79 -22.26 -14.65
CA VAL C 428 -39.30 -20.91 -14.51
C VAL C 428 -37.98 -20.90 -13.75
N ARG C 429 -37.12 -19.94 -14.05
CA ARG C 429 -35.99 -19.59 -13.19
C ARG C 429 -35.87 -18.09 -13.16
N GLU C 430 -35.21 -17.55 -12.13
CA GLU C 430 -34.65 -16.22 -12.28
C GLU C 430 -33.43 -15.92 -11.40
N MET C 431 -32.88 -14.72 -11.61
CA MET C 431 -31.57 -14.35 -11.09
C MET C 431 -31.68 -13.78 -9.68
N MET D 8 -7.34 -2.48 -27.73
CA MET D 8 -7.40 -3.02 -29.09
C MET D 8 -8.53 -2.45 -29.98
N GLN D 9 -8.82 -3.12 -31.09
CA GLN D 9 -9.75 -2.63 -32.12
C GLN D 9 -10.80 -3.67 -32.53
N ALA D 10 -12.08 -3.32 -32.42
CA ALA D 10 -13.16 -4.27 -32.75
C ALA D 10 -13.43 -4.35 -34.25
N ILE D 11 -13.73 -5.56 -34.71
CA ILE D 11 -14.06 -5.78 -36.10
C ILE D 11 -15.26 -6.72 -36.26
N LYS D 12 -16.29 -6.24 -36.94
CA LYS D 12 -17.52 -6.99 -37.13
C LYS D 12 -17.52 -7.57 -38.53
N CYS D 13 -17.35 -8.89 -38.62
CA CYS D 13 -17.25 -9.53 -39.91
C CYS D 13 -18.48 -10.40 -40.10
N VAL D 14 -19.22 -10.17 -41.19
CA VAL D 14 -20.43 -10.95 -41.43
C VAL D 14 -20.25 -11.97 -42.56
N VAL D 15 -20.66 -13.20 -42.30
CA VAL D 15 -20.46 -14.24 -43.29
C VAL D 15 -21.74 -14.66 -44.02
N VAL D 16 -21.76 -14.52 -45.34
CA VAL D 16 -22.91 -14.93 -46.11
C VAL D 16 -22.56 -15.94 -47.19
N GLY D 17 -23.57 -16.67 -47.68
CA GLY D 17 -23.42 -17.64 -48.75
C GLY D 17 -24.45 -18.77 -48.62
N ASP D 18 -24.48 -19.67 -49.60
CA ASP D 18 -25.45 -20.75 -49.58
C ASP D 18 -25.18 -21.74 -48.44
N GLY D 19 -26.00 -22.77 -48.35
CA GLY D 19 -25.89 -23.76 -47.29
C GLY D 19 -24.76 -24.73 -47.52
N ALA D 20 -24.69 -25.27 -48.73
CA ALA D 20 -23.68 -26.26 -49.06
C ALA D 20 -22.31 -25.81 -48.57
N VAL D 21 -22.07 -24.52 -48.72
CA VAL D 21 -20.76 -23.91 -48.53
C VAL D 21 -20.05 -24.29 -47.21
N GLY D 22 -20.81 -24.49 -46.15
CA GLY D 22 -20.22 -24.89 -44.89
C GLY D 22 -19.44 -23.77 -44.21
N LYS D 23 -20.08 -22.62 -44.07
CA LYS D 23 -19.49 -21.46 -43.41
C LYS D 23 -19.09 -21.77 -41.97
N ASN D 24 -20.01 -22.33 -41.19
CA ASN D 24 -19.77 -22.62 -39.78
C ASN D 24 -18.48 -23.39 -39.53
N CYS D 25 -18.27 -24.49 -40.24
CA CYS D 25 -17.07 -25.30 -40.04
C CYS D 25 -15.81 -24.46 -40.23
N LEU D 26 -15.83 -23.65 -41.29
CA LEU D 26 -14.80 -22.65 -41.55
C LEU D 26 -14.55 -21.73 -40.34
N LEU D 27 -15.58 -20.96 -39.97
CA LEU D 27 -15.53 -20.08 -38.80
C LEU D 27 -15.01 -20.75 -37.52
N ILE D 28 -15.76 -21.71 -37.01
CA ILE D 28 -15.36 -22.37 -35.76
C ILE D 28 -13.99 -23.03 -35.81
N SER D 29 -13.57 -23.55 -36.95
CA SER D 29 -12.27 -24.18 -36.95
C SER D 29 -11.15 -23.13 -37.03
N TYR D 30 -11.46 -21.97 -37.58
CA TYR D 30 -10.49 -20.88 -37.47
C TYR D 30 -10.39 -20.30 -36.05
N THR D 31 -11.52 -20.04 -35.41
CA THR D 31 -11.48 -19.37 -34.11
C THR D 31 -10.98 -20.26 -32.98
N THR D 32 -11.26 -21.55 -33.03
CA THR D 32 -10.77 -22.44 -31.98
C THR D 32 -9.34 -22.87 -32.22
N ASN D 33 -8.80 -22.49 -33.38
CA ASN D 33 -7.46 -22.90 -33.77
C ASN D 33 -7.38 -24.42 -33.67
N ALA D 34 -8.47 -25.05 -34.07
CA ALA D 34 -8.64 -26.49 -33.89
C ALA D 34 -7.63 -27.28 -34.69
N PHE D 35 -7.38 -28.51 -34.27
CA PHE D 35 -6.57 -29.39 -35.09
C PHE D 35 -7.38 -29.81 -36.34
N PRO D 36 -6.72 -29.87 -37.50
CA PRO D 36 -7.48 -30.08 -38.73
C PRO D 36 -8.34 -31.33 -38.64
N GLY D 37 -9.63 -31.19 -38.95
CA GLY D 37 -10.57 -32.28 -38.89
C GLY D 37 -11.10 -32.51 -37.49
N GLU D 38 -10.39 -31.98 -36.51
CA GLU D 38 -10.69 -32.23 -35.11
C GLU D 38 -11.57 -31.18 -34.42
N TYR D 39 -12.13 -30.28 -35.22
CA TYR D 39 -13.07 -29.28 -34.70
C TYR D 39 -14.33 -29.90 -34.08
N ILE D 40 -14.78 -29.32 -32.96
CA ILE D 40 -15.97 -29.77 -32.22
C ILE D 40 -17.14 -28.77 -32.29
N PRO D 41 -18.23 -29.11 -33.01
CA PRO D 41 -19.29 -28.11 -33.19
C PRO D 41 -20.15 -27.83 -31.95
N THR D 42 -20.90 -26.71 -32.01
CA THR D 42 -21.92 -26.36 -31.02
C THR D 42 -23.25 -26.13 -31.72
N VAL D 43 -24.29 -26.03 -30.89
CA VAL D 43 -25.61 -25.79 -31.41
C VAL D 43 -25.85 -24.29 -31.60
N PHE D 44 -24.89 -23.47 -31.17
CA PHE D 44 -25.06 -22.02 -31.18
C PHE D 44 -24.20 -21.28 -32.18
N ASP D 45 -24.79 -20.22 -32.73
CA ASP D 45 -24.20 -19.39 -33.75
C ASP D 45 -23.14 -18.36 -33.34
N ASN D 46 -22.46 -17.92 -34.38
CA ASN D 46 -21.29 -17.05 -34.37
C ASN D 46 -20.13 -17.47 -33.47
N TYR D 47 -19.18 -16.56 -33.33
CA TYR D 47 -17.80 -16.97 -33.01
C TYR D 47 -16.95 -15.73 -32.96
N SER D 48 -15.83 -15.83 -32.26
CA SER D 48 -15.07 -14.66 -31.84
C SER D 48 -13.61 -15.04 -31.76
N ALA D 49 -12.73 -14.10 -32.04
CA ALA D 49 -11.31 -14.39 -31.99
C ALA D 49 -10.56 -13.15 -31.56
N ASN D 50 -9.53 -13.32 -30.74
CA ASN D 50 -8.70 -12.19 -30.39
C ASN D 50 -7.34 -12.39 -31.02
N VAL D 51 -7.08 -11.65 -32.10
CA VAL D 51 -5.94 -12.00 -32.94
C VAL D 51 -5.12 -10.77 -33.20
N MET D 52 -3.85 -10.96 -33.55
CA MET D 52 -3.03 -9.85 -34.03
C MET D 52 -2.77 -9.97 -35.52
N VAL D 53 -2.79 -8.85 -36.23
CA VAL D 53 -2.52 -8.83 -37.67
C VAL D 53 -1.60 -7.66 -37.98
N ASP D 54 -0.48 -7.91 -38.64
CA ASP D 54 0.47 -6.83 -38.90
C ASP D 54 0.70 -6.10 -37.58
N GLY D 55 0.90 -6.88 -36.52
CA GLY D 55 1.17 -6.33 -35.20
C GLY D 55 0.12 -5.44 -34.57
N LYS D 56 -1.10 -5.47 -35.07
CA LYS D 56 -2.23 -4.78 -34.42
C LYS D 56 -3.22 -5.79 -33.84
N PRO D 57 -3.51 -5.68 -32.53
CA PRO D 57 -4.52 -6.53 -31.88
C PRO D 57 -5.96 -6.16 -32.25
N VAL D 58 -6.80 -7.16 -32.47
CA VAL D 58 -8.21 -6.94 -32.79
C VAL D 58 -9.09 -8.01 -32.17
N ASN D 59 -10.30 -7.60 -31.81
CA ASN D 59 -11.32 -8.56 -31.47
C ASN D 59 -12.23 -8.67 -32.66
N LEU D 60 -12.16 -9.84 -33.31
CA LEU D 60 -12.91 -10.12 -34.52
C LEU D 60 -14.11 -10.93 -34.14
N GLY D 61 -15.29 -10.34 -34.24
CA GLY D 61 -16.50 -11.14 -34.16
C GLY D 61 -16.90 -11.65 -35.53
N LEU D 62 -17.31 -12.90 -35.60
CA LEU D 62 -17.74 -13.49 -36.86
C LEU D 62 -19.18 -13.88 -36.76
N TRP D 63 -20.02 -13.18 -37.53
CA TRP D 63 -21.45 -13.38 -37.54
C TRP D 63 -21.77 -14.34 -38.66
N ASP D 64 -22.30 -15.51 -38.29
CA ASP D 64 -22.61 -16.53 -39.28
C ASP D 64 -24.10 -16.43 -39.63
N THR D 65 -24.41 -15.97 -40.84
CA THR D 65 -25.81 -15.84 -41.30
C THR D 65 -26.48 -17.13 -41.85
N ALA D 66 -27.80 -17.17 -41.82
CA ALA D 66 -28.52 -18.26 -42.47
C ALA D 66 -28.66 -18.02 -44.00
N GLY D 67 -28.34 -19.02 -44.81
CA GLY D 67 -28.38 -18.88 -46.27
C GLY D 67 -29.72 -19.15 -46.93
N GLN D 68 -30.58 -19.86 -46.21
CA GLN D 68 -31.96 -20.16 -46.64
C GLN D 68 -32.76 -18.91 -46.99
N GLU D 69 -33.69 -19.02 -47.93
CA GLU D 69 -34.49 -17.85 -48.29
C GLU D 69 -35.61 -17.48 -47.31
N ASP D 70 -36.00 -18.41 -46.44
CA ASP D 70 -36.95 -18.06 -45.39
C ASP D 70 -36.36 -16.94 -44.56
N TYR D 71 -35.04 -16.85 -44.57
CA TYR D 71 -34.36 -15.83 -43.79
C TYR D 71 -34.01 -14.53 -44.54
N ASP D 72 -34.42 -14.44 -45.81
CA ASP D 72 -34.18 -13.25 -46.62
C ASP D 72 -34.62 -11.97 -45.94
N ARG D 73 -35.77 -11.99 -45.26
CA ARG D 73 -36.25 -10.78 -44.63
C ARG D 73 -35.53 -10.47 -43.31
N LEU D 74 -35.15 -11.52 -42.57
CA LEU D 74 -34.55 -11.38 -41.24
C LEU D 74 -33.02 -11.15 -41.22
N ARG D 75 -32.35 -11.69 -42.20
CA ARG D 75 -30.90 -11.79 -42.15
C ARG D 75 -30.21 -10.42 -42.16
N PRO D 76 -30.67 -9.51 -43.05
CA PRO D 76 -30.07 -8.18 -43.17
C PRO D 76 -30.23 -7.27 -41.95
N LEU D 77 -31.08 -7.66 -41.00
CA LEU D 77 -31.14 -6.92 -39.77
C LEU D 77 -29.75 -6.89 -39.09
N SER D 78 -28.95 -7.92 -39.32
CA SER D 78 -27.57 -7.96 -38.84
C SER D 78 -26.60 -7.00 -39.54
N TYR D 79 -26.89 -6.61 -40.78
CA TYR D 79 -25.90 -5.94 -41.61
C TYR D 79 -25.35 -4.57 -41.15
N PRO D 80 -26.20 -3.70 -40.60
CA PRO D 80 -25.76 -2.37 -40.18
C PRO D 80 -24.49 -2.35 -39.32
N GLN D 81 -23.61 -1.41 -39.66
CA GLN D 81 -22.34 -1.25 -38.96
C GLN D 81 -21.41 -2.46 -39.07
N THR D 82 -21.46 -3.15 -40.20
CA THR D 82 -20.49 -4.22 -40.48
C THR D 82 -19.19 -3.63 -40.99
N ASP D 83 -18.07 -4.16 -40.50
CA ASP D 83 -16.75 -3.70 -40.93
C ASP D 83 -16.24 -4.33 -42.24
N VAL D 84 -16.43 -5.65 -42.36
CA VAL D 84 -16.10 -6.37 -43.58
C VAL D 84 -17.05 -7.56 -43.82
N PHE D 85 -17.25 -7.94 -45.07
CA PHE D 85 -18.10 -9.08 -45.41
C PHE D 85 -17.31 -10.22 -46.02
N LEU D 86 -17.64 -11.45 -45.66
CA LEU D 86 -17.12 -12.60 -46.40
C LEU D 86 -18.27 -13.17 -47.23
N ILE D 87 -18.13 -13.16 -48.55
CA ILE D 87 -19.11 -13.83 -49.38
C ILE D 87 -18.53 -15.17 -49.80
N CYS D 88 -19.21 -16.24 -49.43
CA CYS D 88 -18.66 -17.58 -49.56
C CYS D 88 -19.40 -18.47 -50.54
N PHE D 89 -18.63 -19.17 -51.37
CA PHE D 89 -19.18 -20.24 -52.20
C PHE D 89 -18.26 -21.44 -52.09
N SER D 90 -18.82 -22.63 -52.24
CA SER D 90 -18.04 -23.86 -52.30
C SER D 90 -17.52 -24.01 -53.72
N LEU D 91 -16.24 -24.38 -53.85
CA LEU D 91 -15.59 -24.47 -55.16
C LEU D 91 -16.11 -25.69 -55.90
N VAL D 92 -16.69 -26.62 -55.15
CA VAL D 92 -17.31 -27.80 -55.74
C VAL D 92 -18.82 -27.70 -55.98
N SER D 93 -19.39 -26.50 -55.82
CA SER D 93 -20.80 -26.28 -56.16
C SER D 93 -21.04 -25.13 -57.13
N PRO D 94 -21.02 -25.41 -58.44
CA PRO D 94 -21.23 -24.36 -59.44
C PRO D 94 -22.42 -23.46 -59.09
N ALA D 95 -23.49 -24.05 -58.54
CA ALA D 95 -24.66 -23.26 -58.16
C ALA D 95 -24.39 -22.20 -57.07
N SER D 96 -23.66 -22.54 -56.01
CA SER D 96 -23.29 -21.51 -55.02
C SER D 96 -22.53 -20.36 -55.69
N PHE D 97 -21.56 -20.73 -56.53
CA PHE D 97 -20.80 -19.76 -57.28
C PHE D 97 -21.73 -18.82 -58.02
N GLU D 98 -22.77 -19.37 -58.63
CA GLU D 98 -23.73 -18.54 -59.32
C GLU D 98 -24.50 -17.61 -58.36
N ASN D 99 -24.99 -18.14 -57.24
CA ASN D 99 -25.76 -17.31 -56.32
C ASN D 99 -24.94 -16.17 -55.75
N VAL D 100 -23.62 -16.28 -55.81
CA VAL D 100 -22.77 -15.12 -55.49
C VAL D 100 -23.12 -13.96 -56.41
N ARG D 101 -23.21 -14.25 -57.70
CA ARG D 101 -23.53 -13.25 -58.71
C ARG D 101 -25.00 -12.82 -58.61
N ALA D 102 -25.90 -13.80 -58.48
CA ALA D 102 -27.35 -13.57 -58.46
C ALA D 102 -27.95 -13.06 -57.14
N LYS D 103 -27.58 -13.68 -56.02
CA LYS D 103 -28.17 -13.34 -54.71
C LYS D 103 -27.30 -12.51 -53.78
N TRP D 104 -26.18 -13.09 -53.31
CA TRP D 104 -25.42 -12.48 -52.21
C TRP D 104 -24.85 -11.09 -52.44
N TYR D 105 -24.01 -10.95 -53.47
CA TYR D 105 -23.46 -9.64 -53.78
C TYR D 105 -24.53 -8.53 -53.86
N PRO D 106 -25.62 -8.77 -54.61
CA PRO D 106 -26.66 -7.74 -54.69
C PRO D 106 -27.25 -7.37 -53.33
N GLU D 107 -27.53 -8.37 -52.51
CA GLU D 107 -28.08 -8.14 -51.18
C GLU D 107 -27.12 -7.29 -50.34
N VAL D 108 -25.92 -7.82 -50.15
CA VAL D 108 -24.89 -7.15 -49.36
C VAL D 108 -24.67 -5.71 -49.83
N ARG D 109 -24.57 -5.52 -51.15
CA ARG D 109 -24.28 -4.20 -51.70
C ARG D 109 -25.47 -3.28 -51.58
N HIS D 110 -26.67 -3.85 -51.55
CA HIS D 110 -27.85 -3.02 -51.34
C HIS D 110 -27.81 -2.46 -49.93
N HIS D 111 -27.50 -3.31 -48.95
CA HIS D 111 -27.46 -2.81 -47.60
C HIS D 111 -26.19 -2.05 -47.22
N CYS D 112 -25.04 -2.53 -47.63
CA CYS D 112 -23.81 -1.85 -47.27
C CYS D 112 -22.99 -1.51 -48.49
N PRO D 113 -23.39 -0.42 -49.15
CA PRO D 113 -22.87 -0.04 -50.46
C PRO D 113 -21.37 0.07 -50.46
N ASN D 114 -20.80 0.69 -49.44
CA ASN D 114 -19.35 0.95 -49.42
C ASN D 114 -18.52 -0.04 -48.60
N THR D 115 -19.18 -0.94 -47.90
CA THR D 115 -18.50 -1.91 -47.04
C THR D 115 -17.72 -2.96 -47.85
N PRO D 116 -16.42 -3.12 -47.55
CA PRO D 116 -15.50 -4.04 -48.25
C PRO D 116 -15.95 -5.51 -48.24
N ILE D 117 -15.59 -6.24 -49.30
CA ILE D 117 -16.02 -7.62 -49.48
C ILE D 117 -14.87 -8.55 -49.85
N ILE D 118 -14.69 -9.62 -49.08
CA ILE D 118 -13.74 -10.67 -49.45
C ILE D 118 -14.51 -11.82 -50.05
N LEU D 119 -14.07 -12.28 -51.23
CA LEU D 119 -14.71 -13.42 -51.90
C LEU D 119 -13.98 -14.72 -51.60
N VAL D 120 -14.67 -15.65 -50.96
CA VAL D 120 -14.06 -16.90 -50.48
C VAL D 120 -14.61 -18.16 -51.15
N GLY D 121 -13.76 -18.87 -51.89
CA GLY D 121 -14.11 -20.21 -52.32
C GLY D 121 -13.70 -21.21 -51.26
N THR D 122 -14.54 -22.21 -51.01
CA THR D 122 -14.27 -23.15 -49.93
C THR D 122 -14.27 -24.60 -50.44
N LYS D 123 -14.09 -25.56 -49.54
CA LYS D 123 -13.94 -26.97 -49.95
C LYS D 123 -12.80 -27.15 -50.95
N LEU D 124 -11.79 -26.30 -50.87
CA LEU D 124 -10.66 -26.37 -51.78
C LEU D 124 -10.13 -27.80 -51.86
N ASP D 125 -10.23 -28.53 -50.75
CA ASP D 125 -9.68 -29.88 -50.73
C ASP D 125 -10.39 -30.81 -51.70
N LEU D 126 -11.62 -30.48 -52.08
CA LEU D 126 -12.41 -31.36 -52.94
C LEU D 126 -12.28 -31.10 -54.43
N ARG D 127 -11.66 -29.98 -54.82
CA ARG D 127 -11.60 -29.62 -56.23
C ARG D 127 -10.79 -30.60 -57.06
N ASP D 128 -9.78 -31.20 -56.42
CA ASP D 128 -8.95 -32.20 -57.06
C ASP D 128 -9.37 -33.63 -56.69
N ASP D 129 -10.44 -33.75 -55.91
CA ASP D 129 -10.97 -35.06 -55.51
C ASP D 129 -11.66 -35.81 -56.65
N LYS D 130 -11.21 -37.04 -56.91
CA LYS D 130 -11.74 -37.81 -58.04
C LYS D 130 -13.27 -37.95 -57.98
N ASP D 131 -13.78 -38.50 -56.89
CA ASP D 131 -15.22 -38.74 -56.78
C ASP D 131 -16.05 -37.46 -56.91
N THR D 132 -15.62 -36.40 -56.25
CA THR D 132 -16.32 -35.11 -56.35
C THR D 132 -16.41 -34.64 -57.81
N ILE D 133 -15.30 -34.72 -58.52
CA ILE D 133 -15.24 -34.33 -59.93
C ILE D 133 -16.16 -35.21 -60.79
N GLU D 134 -16.23 -36.50 -60.46
CA GLU D 134 -17.02 -37.45 -61.25
C GLU D 134 -18.53 -37.31 -61.04
N LYS D 135 -18.94 -37.16 -59.78
CA LYS D 135 -20.33 -36.84 -59.51
C LYS D 135 -20.71 -35.52 -60.18
N LEU D 136 -19.87 -34.50 -60.06
CA LEU D 136 -20.16 -33.24 -60.72
C LEU D 136 -20.28 -33.41 -62.24
N LYS D 137 -19.52 -34.36 -62.79
CA LYS D 137 -19.54 -34.58 -64.23
C LYS D 137 -20.85 -35.25 -64.64
N GLU D 138 -21.36 -36.11 -63.78
CA GLU D 138 -22.64 -36.77 -64.05
C GLU D 138 -23.74 -35.78 -64.42
N LYS D 139 -23.71 -34.60 -63.80
CA LYS D 139 -24.64 -33.49 -64.08
C LYS D 139 -24.10 -32.47 -65.10
N LYS D 140 -22.98 -32.79 -65.75
CA LYS D 140 -22.33 -31.88 -66.68
C LYS D 140 -21.75 -30.64 -65.96
N LEU D 141 -21.20 -30.85 -64.77
CA LEU D 141 -20.63 -29.77 -63.98
C LEU D 141 -19.14 -29.93 -63.73
N THR D 142 -18.49 -28.78 -63.49
CA THR D 142 -17.07 -28.72 -63.17
C THR D 142 -16.91 -27.90 -61.91
N PRO D 143 -15.86 -28.19 -61.11
CA PRO D 143 -15.45 -27.27 -60.05
C PRO D 143 -15.05 -25.89 -60.59
N ILE D 144 -15.05 -24.90 -59.71
CA ILE D 144 -14.73 -23.52 -60.08
C ILE D 144 -13.22 -23.33 -60.06
N THR D 145 -12.68 -22.84 -61.17
CA THR D 145 -11.23 -22.68 -61.30
C THR D 145 -10.78 -21.40 -60.65
N TYR D 146 -9.53 -21.37 -60.23
CA TYR D 146 -9.00 -20.17 -59.61
C TYR D 146 -9.34 -18.92 -60.43
N PRO D 147 -9.10 -18.97 -61.76
CA PRO D 147 -9.34 -17.76 -62.56
C PRO D 147 -10.81 -17.45 -62.70
N GLN D 148 -11.66 -18.48 -62.63
CA GLN D 148 -13.10 -18.27 -62.68
C GLN D 148 -13.53 -17.45 -61.45
N GLY D 149 -12.93 -17.80 -60.32
CA GLY D 149 -13.22 -17.16 -59.06
C GLY D 149 -12.65 -15.76 -59.01
N LEU D 150 -11.40 -15.62 -59.44
CA LEU D 150 -10.76 -14.32 -59.46
C LEU D 150 -11.60 -13.38 -60.32
N ALA D 151 -12.11 -13.92 -61.42
CA ALA D 151 -12.97 -13.17 -62.31
C ALA D 151 -14.21 -12.69 -61.56
N MET D 152 -14.87 -13.63 -60.86
CA MET D 152 -16.06 -13.30 -60.07
C MET D 152 -15.78 -12.15 -59.12
N ALA D 153 -14.65 -12.24 -58.44
CA ALA D 153 -14.23 -11.24 -57.46
C ALA D 153 -14.04 -9.86 -58.10
N LYS D 154 -13.32 -9.80 -59.23
CA LYS D 154 -13.17 -8.54 -59.95
C LYS D 154 -14.53 -7.98 -60.30
N GLU D 155 -15.45 -8.89 -60.64
CA GLU D 155 -16.78 -8.55 -61.14
C GLU D 155 -17.62 -7.85 -60.09
N ILE D 156 -17.77 -8.51 -58.93
CA ILE D 156 -18.52 -7.94 -57.81
C ILE D 156 -17.68 -6.95 -57.00
N GLY D 157 -16.40 -6.82 -57.35
CA GLY D 157 -15.58 -5.76 -56.80
C GLY D 157 -14.97 -6.13 -55.47
N ALA D 158 -14.78 -7.42 -55.25
CA ALA D 158 -14.25 -7.91 -53.99
C ALA D 158 -12.82 -7.47 -53.82
N VAL D 159 -12.55 -6.92 -52.65
CA VAL D 159 -11.22 -6.52 -52.25
C VAL D 159 -10.14 -7.60 -52.40
N LYS D 160 -10.53 -8.85 -52.28
CA LYS D 160 -9.62 -9.99 -52.46
C LYS D 160 -10.45 -11.20 -52.83
N TYR D 161 -9.83 -12.20 -53.46
CA TYR D 161 -10.47 -13.49 -53.64
C TYR D 161 -9.55 -14.52 -53.08
N LEU D 162 -10.07 -15.39 -52.22
CA LEU D 162 -9.27 -16.41 -51.57
C LEU D 162 -9.96 -17.76 -51.65
N GLU D 163 -9.16 -18.82 -51.70
CA GLU D 163 -9.66 -20.18 -51.63
C GLU D 163 -9.09 -20.83 -50.37
N CYS D 164 -9.73 -21.90 -49.91
CA CYS D 164 -9.31 -22.51 -48.66
C CYS D 164 -10.11 -23.75 -48.33
N SER D 165 -9.58 -24.53 -47.39
CA SER D 165 -10.27 -25.71 -46.92
C SER D 165 -10.36 -25.64 -45.41
N ALA D 166 -11.55 -25.78 -44.86
CA ALA D 166 -11.71 -25.80 -43.42
C ALA D 166 -11.21 -27.12 -42.83
N LEU D 167 -11.27 -28.19 -43.64
CA LEU D 167 -10.77 -29.50 -43.21
C LEU D 167 -9.23 -29.62 -43.16
N THR D 168 -8.57 -29.36 -44.29
CA THR D 168 -7.12 -29.35 -44.29
C THR D 168 -6.63 -28.09 -43.57
N GLN D 169 -7.50 -27.07 -43.55
CA GLN D 169 -7.17 -25.78 -42.94
C GLN D 169 -6.23 -24.99 -43.82
N ARG D 170 -5.82 -25.57 -44.93
CA ARG D 170 -5.01 -24.83 -45.91
C ARG D 170 -5.78 -23.64 -46.48
N GLY D 171 -5.19 -22.46 -46.35
CA GLY D 171 -5.76 -21.25 -46.92
C GLY D 171 -6.55 -20.42 -45.93
N LEU D 172 -6.80 -21.03 -44.77
CA LEU D 172 -7.81 -20.58 -43.82
C LEU D 172 -7.44 -19.29 -43.11
N LYS D 173 -6.36 -19.35 -42.33
CA LYS D 173 -5.88 -18.20 -41.56
C LYS D 173 -5.76 -16.95 -42.43
N THR D 174 -5.39 -17.16 -43.68
CA THR D 174 -5.28 -16.05 -44.58
C THR D 174 -6.58 -15.29 -44.74
N VAL D 175 -7.72 -16.01 -44.82
CA VAL D 175 -9.03 -15.39 -45.05
C VAL D 175 -9.35 -14.29 -44.03
N PHE D 176 -9.08 -14.59 -42.76
CA PHE D 176 -9.33 -13.65 -41.70
C PHE D 176 -8.23 -12.59 -41.60
N ASP D 177 -6.98 -13.01 -41.77
CA ASP D 177 -5.91 -12.03 -41.83
C ASP D 177 -6.28 -10.97 -42.85
N GLU D 178 -6.87 -11.40 -43.96
CA GLU D 178 -7.16 -10.55 -45.11
C GLU D 178 -8.40 -9.69 -44.93
N ALA D 179 -9.41 -10.26 -44.30
CA ALA D 179 -10.57 -9.49 -43.86
C ALA D 179 -10.15 -8.32 -42.96
N ILE D 180 -9.42 -8.65 -41.89
CA ILE D 180 -8.91 -7.63 -40.98
C ILE D 180 -8.03 -6.60 -41.71
N ARG D 181 -7.05 -7.08 -42.46
CA ARG D 181 -6.21 -6.19 -43.25
C ARG D 181 -7.04 -5.25 -44.12
N ALA D 182 -8.21 -5.74 -44.54
CA ALA D 182 -9.17 -4.98 -45.35
C ALA D 182 -9.86 -3.88 -44.55
N VAL D 183 -10.01 -4.10 -43.25
CA VAL D 183 -10.50 -3.02 -42.36
C VAL D 183 -9.40 -2.06 -41.85
N LEU D 184 -8.20 -2.59 -41.62
CA LEU D 184 -7.13 -1.84 -40.95
C LEU D 184 -6.55 -0.69 -41.78
#